data_3ONR
#
_entry.id   3ONR
#
_cell.length_a   70.193
_cell.length_b   78.446
_cell.length_c   152.489
_cell.angle_alpha   90.00
_cell.angle_beta   90.00
_cell.angle_gamma   90.00
#
_symmetry.space_group_name_H-M   'P 21 21 21'
#
loop_
_entity.id
_entity.type
_entity.pdbx_description
1 polymer 'PROTEIN TRANSPORT PROTEIN SECE2'
2 non-polymer 'CALCIUM ION'
3 non-polymer 'FORMIC ACID'
4 non-polymer 'PLATINUM (II) ION'
5 water water
#
_entity_poly.entity_id   1
_entity_poly.type   'polypeptide(L)'
_entity_poly.pdbx_seq_one_letter_code
;MVSVYKVIDIIGTSPTSWEQAAAEAVQRARDSVDDIRVARVIEQDMAVDSAGKITYRIKLEVSFKMRPSQPL
;
_entity_poly.pdbx_strand_id   A,B,C,D,E,F,G,H,I,J,K,L
#
# COMPACT_ATOMS: atom_id res chain seq x y z
N VAL A 2 -5.31 -31.08 5.98
CA VAL A 2 -6.80 -31.34 5.79
C VAL A 2 -7.18 -30.81 4.40
N SER A 3 -8.03 -29.79 4.31
CA SER A 3 -8.15 -29.02 3.04
C SER A 3 -7.19 -27.81 3.00
N VAL A 4 -6.27 -27.87 2.07
CA VAL A 4 -5.36 -26.78 1.77
C VAL A 4 -5.59 -26.31 0.33
N TYR A 5 -5.44 -25.00 0.05
CA TYR A 5 -5.79 -24.46 -1.22
C TYR A 5 -4.59 -23.72 -1.86
N LYS A 6 -4.57 -23.70 -3.16
CA LYS A 6 -3.54 -22.97 -3.89
C LYS A 6 -4.14 -21.72 -4.43
N VAL A 7 -3.38 -20.64 -4.43
CA VAL A 7 -3.93 -19.34 -4.90
C VAL A 7 -3.10 -18.95 -6.12
N ILE A 8 -3.77 -18.60 -7.22
CA ILE A 8 -2.92 -18.07 -8.28
C ILE A 8 -3.54 -16.81 -8.89
N ASP A 9 -2.72 -16.12 -9.66
CA ASP A 9 -3.10 -14.91 -10.34
C ASP A 9 -3.14 -15.24 -11.88
N ILE A 10 -4.27 -14.89 -12.55
CA ILE A 10 -4.38 -15.13 -13.99
C ILE A 10 -4.80 -13.80 -14.65
N ILE A 11 -4.50 -13.68 -15.94
CA ILE A 11 -4.87 -12.44 -16.68
C ILE A 11 -5.75 -12.84 -17.82
N GLY A 12 -6.98 -12.22 -17.87
CA GLY A 12 -7.79 -12.40 -19.07
C GLY A 12 -7.62 -11.17 -19.98
N THR A 13 -7.88 -11.36 -21.27
CA THR A 13 -7.73 -10.17 -22.16
C THR A 13 -8.96 -10.15 -23.10
N SER A 14 -9.26 -9.01 -23.71
CA SER A 14 -10.51 -8.87 -24.52
C SER A 14 -10.44 -7.60 -25.30
N PRO A 15 -10.92 -7.64 -26.55
CA PRO A 15 -11.00 -6.38 -27.29
C PRO A 15 -12.23 -5.58 -26.81
N THR A 16 -13.09 -6.18 -26.01
CA THR A 16 -14.39 -5.62 -25.71
C THR A 16 -14.45 -4.84 -24.40
N SER A 17 -14.19 -5.53 -23.29
CA SER A 17 -14.40 -5.01 -21.97
C SER A 17 -13.54 -5.70 -20.96
N TRP A 18 -13.34 -5.06 -19.81
CA TRP A 18 -12.64 -5.76 -18.69
C TRP A 18 -13.55 -6.89 -18.17
N GLU A 19 -14.88 -6.69 -18.19
CA GLU A 19 -15.82 -7.83 -17.78
C GLU A 19 -15.63 -9.07 -18.64
N GLN A 20 -15.52 -8.87 -19.96
CA GLN A 20 -15.33 -9.98 -20.89
C GLN A 20 -13.93 -10.65 -20.69
N ALA A 21 -12.91 -9.83 -20.56
CA ALA A 21 -11.56 -10.32 -20.25
C ALA A 21 -11.62 -11.16 -18.97
N ALA A 22 -12.31 -10.63 -17.96
CA ALA A 22 -12.45 -11.36 -16.67
C ALA A 22 -13.23 -12.67 -16.82
N ALA A 23 -14.35 -12.65 -17.53
CA ALA A 23 -15.16 -13.87 -17.70
C ALA A 23 -14.37 -14.91 -18.46
N GLU A 24 -13.53 -14.49 -19.40
CA GLU A 24 -12.69 -15.44 -20.19
C GLU A 24 -11.70 -16.14 -19.26
N ALA A 25 -11.03 -15.34 -18.41
CA ALA A 25 -10.08 -15.88 -17.39
C ALA A 25 -10.81 -16.85 -16.46
N VAL A 26 -11.92 -16.40 -15.88
CA VAL A 26 -12.70 -17.37 -15.02
C VAL A 26 -13.14 -18.63 -15.72
N GLN A 27 -13.68 -18.53 -16.92
CA GLN A 27 -14.09 -19.78 -17.63
C GLN A 27 -12.95 -20.77 -17.91
N ARG A 28 -11.80 -20.20 -18.35
CA ARG A 28 -10.55 -20.97 -18.51
C ARG A 28 -10.16 -21.65 -17.14
N ALA A 29 -10.14 -20.90 -16.05
CA ALA A 29 -9.90 -21.47 -14.72
C ALA A 29 -10.86 -22.64 -14.42
N ARG A 30 -12.15 -22.42 -14.67
CA ARG A 30 -13.10 -23.48 -14.41
C ARG A 30 -12.97 -24.68 -15.31
N ASP A 31 -12.17 -24.59 -16.37
CA ASP A 31 -11.98 -25.77 -17.24
C ASP A 31 -11.07 -26.74 -16.55
N SER A 32 -10.29 -26.26 -15.58
CA SER A 32 -9.30 -27.05 -14.82
C SER A 32 -9.73 -27.45 -13.44
N VAL A 33 -10.41 -26.56 -12.74
CA VAL A 33 -10.82 -26.87 -11.38
C VAL A 33 -12.29 -26.54 -11.25
N ASP A 34 -12.98 -27.30 -10.43
CA ASP A 34 -14.41 -27.15 -10.33
C ASP A 34 -14.82 -26.25 -9.13
N ASP A 35 -13.87 -25.86 -8.26
CA ASP A 35 -14.30 -25.21 -7.02
C ASP A 35 -14.15 -23.67 -6.91
N ILE A 36 -14.02 -22.98 -8.03
CA ILE A 36 -13.86 -21.53 -7.92
C ILE A 36 -15.18 -20.80 -7.78
N ARG A 37 -15.29 -20.04 -6.68
CA ARG A 37 -16.57 -19.36 -6.40
C ARG A 37 -16.41 -17.85 -6.37
N VAL A 38 -15.18 -17.40 -6.34
CA VAL A 38 -14.90 -15.98 -6.26
C VAL A 38 -13.67 -15.65 -7.01
N ALA A 39 -13.58 -14.46 -7.64
CA ALA A 39 -12.32 -14.05 -8.28
C ALA A 39 -12.09 -12.59 -7.96
N ARG A 40 -10.95 -12.24 -7.37
CA ARG A 40 -10.75 -10.79 -6.94
C ARG A 40 -9.98 -10.03 -7.99
N VAL A 41 -10.39 -8.80 -8.30
CA VAL A 41 -9.63 -8.03 -9.28
C VAL A 41 -8.38 -7.38 -8.62
N ILE A 42 -7.19 -7.66 -9.17
CA ILE A 42 -5.92 -7.13 -8.62
C ILE A 42 -5.45 -5.93 -9.44
N GLU A 43 -5.55 -6.04 -10.77
CA GLU A 43 -5.07 -4.90 -11.63
C GLU A 43 -5.81 -4.90 -12.94
N GLN A 44 -5.90 -3.73 -13.60
CA GLN A 44 -6.46 -3.63 -14.95
C GLN A 44 -5.51 -2.74 -15.76
N ASP A 45 -5.42 -3.09 -17.01
CA ASP A 45 -4.66 -2.25 -17.93
C ASP A 45 -5.24 -2.38 -19.33
N MET A 46 -4.63 -1.61 -20.22
CA MET A 46 -4.88 -1.77 -21.66
C MET A 46 -3.57 -1.86 -22.42
N ALA A 47 -3.51 -2.79 -23.36
CA ALA A 47 -2.45 -2.81 -24.33
C ALA A 47 -2.93 -2.15 -25.60
N VAL A 48 -2.06 -1.38 -26.22
CA VAL A 48 -2.44 -0.65 -27.41
C VAL A 48 -1.44 -1.05 -28.52
N ASP A 49 -1.92 -1.35 -29.73
CA ASP A 49 -0.97 -1.59 -30.86
C ASP A 49 -0.82 -0.32 -31.70
N SER A 50 0.01 -0.39 -32.74
CA SER A 50 0.36 0.79 -33.52
C SER A 50 -0.80 1.36 -34.35
N ALA A 51 -1.86 0.57 -34.50
CA ALA A 51 -3.07 1.01 -35.20
C ALA A 51 -4.03 1.65 -34.20
N GLY A 52 -3.64 1.64 -32.92
CA GLY A 52 -4.53 2.07 -31.86
C GLY A 52 -5.58 1.04 -31.41
N LYS A 53 -5.46 -0.22 -31.83
CA LYS A 53 -6.40 -1.25 -31.36
C LYS A 53 -6.05 -1.61 -29.87
N ILE A 54 -7.05 -1.45 -28.99
CA ILE A 54 -7.00 -1.68 -27.56
C ILE A 54 -7.38 -3.11 -27.17
N THR A 55 -6.59 -3.68 -26.27
CA THR A 55 -6.97 -4.93 -25.69
C THR A 55 -7.10 -4.55 -24.23
N TYR A 56 -8.24 -4.85 -23.63
CA TYR A 56 -8.41 -4.67 -22.16
C TYR A 56 -7.88 -5.90 -21.43
N ARG A 57 -7.08 -5.68 -20.40
CA ARG A 57 -6.45 -6.84 -19.74
C ARG A 57 -6.73 -6.74 -18.22
N ILE A 58 -7.01 -7.87 -17.57
CA ILE A 58 -7.38 -7.80 -16.14
C ILE A 58 -6.77 -9.00 -15.39
N LYS A 59 -6.09 -8.70 -14.27
CA LYS A 59 -5.39 -9.72 -13.45
C LYS A 59 -6.37 -10.01 -12.33
N LEU A 60 -6.65 -11.31 -12.16
CA LEU A 60 -7.57 -11.85 -11.19
C LEU A 60 -6.86 -12.83 -10.23
N GLU A 61 -7.29 -12.85 -8.99
CA GLU A 61 -6.72 -13.87 -8.04
C GLU A 61 -7.84 -14.87 -7.75
N VAL A 62 -7.57 -16.17 -7.89
CA VAL A 62 -8.54 -17.22 -7.56
C VAL A 62 -7.80 -18.28 -6.71
N SER A 63 -8.57 -19.06 -5.96
CA SER A 63 -7.97 -20.18 -5.23
C SER A 63 -8.76 -21.46 -5.43
N PHE A 64 -8.14 -22.60 -5.16
CA PHE A 64 -8.81 -23.91 -5.34
C PHE A 64 -8.12 -24.92 -4.49
N LYS A 65 -8.89 -25.91 -4.11
CA LYS A 65 -8.32 -27.04 -3.30
C LYS A 65 -7.12 -27.72 -4.00
N MET A 66 -6.06 -28.04 -3.24
CA MET A 66 -4.91 -28.81 -3.77
C MET A 66 -5.28 -30.24 -3.79
N ARG A 67 -5.16 -30.92 -4.94
CA ARG A 67 -5.43 -32.39 -4.94
C ARG A 67 -4.13 -33.12 -4.68
N PRO A 68 -4.14 -34.20 -3.81
CA PRO A 68 -2.85 -34.87 -3.55
C PRO A 68 -2.15 -35.44 -4.81
N SER A 69 -2.91 -35.84 -5.85
CA SER A 69 -2.30 -36.50 -7.05
C SER A 69 -1.79 -35.45 -8.04
N GLN A 70 -1.71 -34.19 -7.59
CA GLN A 70 -1.17 -33.10 -8.43
C GLN A 70 0.13 -32.58 -7.77
N PRO A 71 1.30 -32.93 -8.36
CA PRO A 71 2.57 -32.52 -7.75
C PRO A 71 2.66 -30.99 -7.68
N LEU A 72 3.32 -30.48 -6.65
CA LEU A 72 3.45 -29.06 -6.48
C LEU A 72 4.68 -28.51 -7.29
N SER B 3 17.49 4.51 -24.57
CA SER B 3 16.30 5.41 -24.71
C SER B 3 15.74 5.87 -23.37
N VAL B 4 15.05 7.02 -23.37
CA VAL B 4 14.40 7.56 -22.14
C VAL B 4 12.95 7.96 -22.40
N TYR B 5 12.02 7.66 -21.46
CA TYR B 5 10.62 7.90 -21.65
C TYR B 5 10.01 8.86 -20.60
N LYS B 6 8.89 9.46 -20.95
CA LYS B 6 8.12 10.25 -19.98
C LYS B 6 6.88 9.50 -19.54
N VAL B 7 6.55 9.60 -18.26
CA VAL B 7 5.37 8.97 -17.75
C VAL B 7 4.38 10.06 -17.39
N ILE B 8 3.12 9.87 -17.79
CA ILE B 8 2.08 10.79 -17.36
C ILE B 8 0.85 10.06 -16.93
N ASP B 9 0.08 10.68 -16.05
CA ASP B 9 -1.27 10.20 -15.74
C ASP B 9 -2.31 11.05 -16.47
N ILE B 10 -3.38 10.45 -16.88
CA ILE B 10 -4.41 11.23 -17.60
C ILE B 10 -5.71 10.67 -17.10
N ILE B 11 -6.79 11.45 -17.25
CA ILE B 11 -8.09 10.96 -16.76
C ILE B 11 -9.03 10.99 -17.98
N GLY B 12 -9.70 9.88 -18.25
CA GLY B 12 -10.80 9.99 -19.24
C GLY B 12 -12.14 9.97 -18.53
N THR B 13 -13.18 10.54 -19.15
CA THR B 13 -14.53 10.42 -18.63
C THR B 13 -15.55 9.92 -19.70
N SER B 14 -16.61 9.23 -19.26
CA SER B 14 -17.68 8.82 -20.19
C SER B 14 -19.00 8.63 -19.44
N PRO B 15 -20.13 8.95 -20.09
CA PRO B 15 -21.40 8.51 -19.50
C PRO B 15 -21.69 6.98 -19.73
N THR B 16 -20.88 6.33 -20.55
CA THR B 16 -21.16 4.96 -20.95
C THR B 16 -20.45 3.88 -20.13
N SER B 17 -19.13 3.99 -20.01
CA SER B 17 -18.38 2.95 -19.35
C SER B 17 -16.97 3.46 -19.02
N TRP B 18 -16.33 2.74 -18.08
CA TRP B 18 -14.95 2.96 -17.78
C TRP B 18 -14.09 2.60 -19.01
N GLU B 19 -14.48 1.60 -19.79
CA GLU B 19 -13.67 1.25 -21.01
C GLU B 19 -13.65 2.37 -22.04
N GLN B 20 -14.83 2.90 -22.26
CA GLN B 20 -14.93 4.05 -23.16
C GLN B 20 -14.23 5.30 -22.63
N ALA B 21 -14.35 5.60 -21.34
CA ALA B 21 -13.55 6.68 -20.72
C ALA B 21 -12.06 6.50 -21.00
N ALA B 22 -11.62 5.26 -20.80
CA ALA B 22 -10.21 4.89 -20.92
C ALA B 22 -9.77 5.00 -22.39
N ALA B 23 -10.60 4.45 -23.29
CA ALA B 23 -10.29 4.47 -24.73
C ALA B 23 -10.12 5.90 -25.27
N GLU B 24 -11.01 6.74 -24.80
CA GLU B 24 -11.07 8.12 -25.17
C GLU B 24 -9.79 8.88 -24.71
N ALA B 25 -9.37 8.65 -23.47
CA ALA B 25 -8.16 9.26 -22.96
C ALA B 25 -6.96 8.73 -23.74
N VAL B 26 -6.96 7.44 -24.02
CA VAL B 26 -5.85 6.84 -24.76
C VAL B 26 -5.72 7.40 -26.17
N GLN B 27 -6.83 7.43 -26.90
CA GLN B 27 -6.87 8.08 -28.21
C GLN B 27 -6.35 9.54 -28.19
N ARG B 28 -6.84 10.31 -27.22
CA ARG B 28 -6.39 11.69 -27.05
C ARG B 28 -4.85 11.69 -26.96
N ALA B 29 -4.33 10.80 -26.10
CA ALA B 29 -2.88 10.72 -25.88
C ALA B 29 -2.15 10.36 -27.17
N ARG B 30 -2.72 9.39 -27.89
CA ARG B 30 -2.13 8.88 -29.13
C ARG B 30 -2.18 9.89 -30.28
N ASP B 31 -3.13 10.82 -30.22
CA ASP B 31 -3.17 11.91 -31.21
C ASP B 31 -1.86 12.72 -31.18
N SER B 32 -1.20 12.76 -30.01
CA SER B 32 0.07 13.52 -29.80
C SER B 32 1.33 12.70 -29.86
N VAL B 33 1.29 11.49 -29.31
CA VAL B 33 2.41 10.53 -29.42
C VAL B 33 1.98 9.18 -29.99
N ASP B 34 2.84 8.59 -30.83
CA ASP B 34 2.54 7.34 -31.60
C ASP B 34 2.94 5.98 -30.94
N ASP B 35 3.71 6.02 -29.84
CA ASP B 35 4.37 4.84 -29.20
C ASP B 35 3.87 4.42 -27.82
N ILE B 36 2.70 4.91 -27.43
CA ILE B 36 2.01 4.36 -26.26
C ILE B 36 1.64 2.89 -26.55
N ARG B 37 2.09 1.98 -25.68
CA ARG B 37 1.93 0.54 -25.87
C ARG B 37 1.08 -0.05 -24.72
N VAL B 38 1.12 0.60 -23.56
CA VAL B 38 0.31 0.20 -22.36
C VAL B 38 -0.24 1.37 -21.52
N ALA B 39 -1.42 1.20 -20.93
CA ALA B 39 -2.01 2.29 -20.11
C ALA B 39 -2.51 1.51 -18.88
N ARG B 40 -1.95 1.80 -17.70
CA ARG B 40 -2.26 1.04 -16.50
C ARG B 40 -3.37 1.79 -15.81
N VAL B 41 -4.44 1.12 -15.35
CA VAL B 41 -5.47 1.78 -14.57
C VAL B 41 -4.95 2.05 -13.15
N ILE B 42 -5.02 3.33 -12.77
CA ILE B 42 -4.60 3.69 -11.40
C ILE B 42 -5.80 3.84 -10.46
N GLU B 43 -6.86 4.46 -10.96
CA GLU B 43 -8.07 4.74 -10.09
C GLU B 43 -9.35 4.84 -10.91
N GLN B 44 -10.51 4.43 -10.36
CA GLN B 44 -11.79 4.60 -11.07
C GLN B 44 -12.73 5.32 -10.06
N ASP B 45 -13.61 6.16 -10.59
CA ASP B 45 -14.64 6.80 -9.80
C ASP B 45 -15.78 7.15 -10.71
N MET B 46 -16.84 7.71 -10.11
CA MET B 46 -17.96 8.23 -10.88
C MET B 46 -18.31 9.59 -10.31
N ALA B 47 -18.70 10.57 -11.17
CA ALA B 47 -19.28 11.80 -10.70
C ALA B 47 -20.76 11.64 -10.92
N VAL B 48 -21.53 12.19 -10.02
CA VAL B 48 -22.96 12.07 -10.17
C VAL B 48 -23.62 13.41 -9.90
N ASP B 49 -24.46 13.86 -10.84
CA ASP B 49 -25.00 15.24 -10.79
C ASP B 49 -26.25 15.27 -9.95
N SER B 50 -26.92 16.41 -9.78
CA SER B 50 -28.11 16.43 -8.91
C SER B 50 -29.32 15.62 -9.42
N ALA B 51 -29.30 15.26 -10.71
CA ALA B 51 -30.39 14.49 -11.32
C ALA B 51 -30.13 12.98 -11.23
N GLY B 52 -28.97 12.62 -10.68
CA GLY B 52 -28.57 11.22 -10.60
C GLY B 52 -27.90 10.71 -11.87
N LYS B 53 -27.57 11.62 -12.81
CA LYS B 53 -26.83 11.17 -13.97
C LYS B 53 -25.34 10.82 -13.64
N ILE B 54 -24.85 9.68 -14.14
CA ILE B 54 -23.49 9.21 -13.83
C ILE B 54 -22.49 9.41 -14.96
N THR B 55 -21.28 9.86 -14.60
CA THR B 55 -20.14 9.95 -15.50
C THR B 55 -19.05 9.07 -14.89
N TYR B 56 -18.65 8.06 -15.64
CA TYR B 56 -17.57 7.15 -15.21
C TYR B 56 -16.22 7.81 -15.51
N ARG B 57 -15.29 7.79 -14.54
CA ARG B 57 -14.02 8.47 -14.74
C ARG B 57 -12.95 7.48 -14.34
N ILE B 58 -11.85 7.55 -15.08
CA ILE B 58 -10.78 6.57 -14.93
C ILE B 58 -9.43 7.28 -15.07
N LYS B 59 -8.53 7.07 -14.12
CA LYS B 59 -7.19 7.65 -14.26
C LYS B 59 -6.24 6.56 -14.77
N LEU B 60 -5.42 6.90 -15.77
CA LEU B 60 -4.51 5.98 -16.42
C LEU B 60 -3.10 6.50 -16.39
N GLU B 61 -2.14 5.60 -16.27
CA GLU B 61 -0.73 5.95 -16.36
C GLU B 61 -0.18 5.43 -17.73
N VAL B 62 0.40 6.31 -18.56
CA VAL B 62 0.94 5.93 -19.85
C VAL B 62 2.38 6.43 -19.93
N SER B 63 3.24 5.70 -20.65
CA SER B 63 4.56 6.19 -20.96
C SER B 63 4.86 6.24 -22.48
N PHE B 64 5.75 7.16 -22.88
CA PHE B 64 6.09 7.37 -24.34
C PHE B 64 7.50 7.90 -24.43
N LYS B 65 8.15 7.65 -25.56
CA LYS B 65 9.51 8.09 -25.73
C LYS B 65 9.53 9.61 -25.74
N MET B 66 10.45 10.22 -25.01
CA MET B 66 10.52 11.66 -25.10
C MET B 66 11.37 12.10 -26.29
N ARG B 67 10.81 13.03 -27.06
CA ARG B 67 11.37 13.53 -28.32
C ARG B 67 11.87 14.95 -28.06
N PRO B 68 12.97 15.34 -28.74
CA PRO B 68 13.58 16.65 -28.53
C PRO B 68 12.56 17.81 -28.39
N SER B 69 11.54 17.84 -29.23
CA SER B 69 10.53 18.89 -29.17
C SER B 69 9.47 18.55 -28.13
N GLN B 70 9.92 18.44 -26.89
CA GLN B 70 9.06 17.97 -25.78
C GLN B 70 9.62 18.46 -24.45
N PRO B 71 8.79 19.26 -23.73
CA PRO B 71 9.26 19.74 -22.45
C PRO B 71 8.95 18.64 -21.44
N LEU B 72 9.55 18.74 -20.26
CA LEU B 72 9.22 17.85 -19.16
C LEU B 72 8.20 18.55 -18.21
N SER C 3 -18.65 22.35 8.53
CA SER C 3 -19.48 21.30 7.91
C SER C 3 -18.74 19.92 7.92
N VAL C 4 -19.52 18.88 8.09
CA VAL C 4 -18.98 17.59 8.40
C VAL C 4 -19.75 16.62 7.52
N TYR C 5 -19.03 15.62 7.02
CA TYR C 5 -19.57 14.67 6.08
C TYR C 5 -19.34 13.29 6.64
N LYS C 6 -20.34 12.44 6.43
CA LYS C 6 -20.27 11.04 6.77
C LYS C 6 -19.71 10.27 5.59
N VAL C 7 -18.97 9.22 5.86
CA VAL C 7 -18.39 8.48 4.75
C VAL C 7 -18.95 7.05 4.87
N ILE C 8 -19.44 6.46 3.78
CA ILE C 8 -19.84 5.03 3.85
C ILE C 8 -19.35 4.27 2.62
N ASP C 9 -19.19 2.96 2.84
CA ASP C 9 -18.75 2.04 1.79
C ASP C 9 -19.90 1.06 1.56
N ILE C 10 -20.20 0.86 0.29
CA ILE C 10 -21.37 0.04 -0.12
C ILE C 10 -20.95 -0.83 -1.30
N ILE C 11 -21.61 -1.97 -1.45
CA ILE C 11 -21.30 -2.86 -2.58
C ILE C 11 -22.53 -2.98 -3.45
N GLY C 12 -22.33 -2.81 -4.77
CA GLY C 12 -23.42 -3.15 -5.68
C GLY C 12 -23.07 -4.39 -6.49
N THR C 13 -24.09 -5.03 -7.08
CA THR C 13 -23.82 -6.25 -7.89
C THR C 13 -24.61 -6.24 -9.16
N SER C 14 -24.11 -6.95 -10.16
CA SER C 14 -24.79 -7.04 -11.48
C SER C 14 -24.33 -8.29 -12.22
N PRO C 15 -25.25 -8.95 -12.95
CA PRO C 15 -24.81 -10.06 -13.83
C PRO C 15 -24.11 -9.57 -15.08
N THR C 16 -24.13 -8.27 -15.30
CA THR C 16 -23.71 -7.75 -16.59
C THR C 16 -22.44 -6.88 -16.59
N SER C 17 -22.38 -5.84 -15.78
CA SER C 17 -21.15 -5.05 -15.73
C SER C 17 -20.86 -4.48 -14.34
N TRP C 18 -19.58 -4.15 -14.07
CA TRP C 18 -19.31 -3.37 -12.92
C TRP C 18 -19.92 -1.97 -12.94
N GLU C 19 -20.10 -1.37 -14.14
CA GLU C 19 -20.75 -0.04 -14.22
C GLU C 19 -22.21 -0.11 -13.73
N GLN C 20 -22.92 -1.15 -14.15
CA GLN C 20 -24.30 -1.37 -13.65
C GLN C 20 -24.35 -1.63 -12.15
N ALA C 21 -23.44 -2.49 -11.68
CA ALA C 21 -23.30 -2.81 -10.23
C ALA C 21 -23.16 -1.49 -9.45
N ALA C 22 -22.28 -0.62 -9.95
CA ALA C 22 -21.98 0.69 -9.34
C ALA C 22 -23.18 1.61 -9.41
N ALA C 23 -23.83 1.65 -10.56
CA ALA C 23 -24.95 2.57 -10.74
C ALA C 23 -26.06 2.12 -9.78
N GLU C 24 -26.21 0.81 -9.60
CA GLU C 24 -27.22 0.30 -8.66
C GLU C 24 -26.94 0.75 -7.21
N ALA C 25 -25.70 0.61 -6.78
CA ALA C 25 -25.30 1.00 -5.43
C ALA C 25 -25.53 2.53 -5.21
N VAL C 26 -25.21 3.30 -6.25
CA VAL C 26 -25.24 4.74 -6.16
C VAL C 26 -26.65 5.23 -6.12
N GLN C 27 -27.53 4.60 -6.90
CA GLN C 27 -28.93 4.99 -6.86
C GLN C 27 -29.62 4.64 -5.53
N ARG C 28 -29.35 3.47 -4.97
CA ARG C 28 -29.78 3.11 -3.63
C ARG C 28 -29.33 4.16 -2.59
N ALA C 29 -28.07 4.58 -2.64
CA ALA C 29 -27.55 5.66 -1.80
C ALA C 29 -28.36 6.93 -1.99
N ARG C 30 -28.53 7.34 -3.23
CA ARG C 30 -29.39 8.48 -3.52
C ARG C 30 -30.84 8.39 -2.98
N ASP C 31 -31.35 7.20 -2.67
CA ASP C 31 -32.68 7.06 -2.04
C ASP C 31 -32.80 7.69 -0.68
N SER C 32 -31.72 7.63 0.10
CA SER C 32 -31.67 8.39 1.35
C SER C 32 -30.40 9.23 1.34
N VAL C 33 -30.36 10.19 0.40
CA VAL C 33 -29.50 11.40 0.37
C VAL C 33 -29.32 11.98 -1.03
N ASP C 34 -29.66 13.25 -1.17
CA ASP C 34 -29.64 14.01 -2.44
C ASP C 34 -28.27 14.64 -2.66
N ASP C 35 -27.38 14.27 -1.77
CA ASP C 35 -26.11 14.92 -1.53
C ASP C 35 -24.89 14.22 -2.20
N ILE C 36 -25.07 13.01 -2.71
CA ILE C 36 -23.95 12.28 -3.28
C ILE C 36 -23.51 12.86 -4.62
N ARG C 37 -22.24 13.28 -4.72
CA ARG C 37 -21.70 13.81 -5.99
C ARG C 37 -20.53 13.02 -6.63
N VAL C 38 -19.88 12.20 -5.83
CA VAL C 38 -18.73 11.38 -6.28
C VAL C 38 -18.75 10.05 -5.55
N ALA C 39 -18.50 8.96 -6.26
CA ALA C 39 -18.35 7.66 -5.62
C ALA C 39 -17.02 7.09 -6.09
N ARG C 40 -16.11 6.73 -5.16
CA ARG C 40 -14.80 6.20 -5.53
C ARG C 40 -14.79 4.68 -5.52
N VAL C 41 -14.23 4.06 -6.57
CA VAL C 41 -14.16 2.59 -6.56
C VAL C 41 -12.98 2.17 -5.68
N ILE C 42 -13.30 1.26 -4.76
CA ILE C 42 -12.31 0.77 -3.78
C ILE C 42 -11.85 -0.61 -4.18
N GLU C 43 -12.78 -1.42 -4.66
CA GLU C 43 -12.43 -2.81 -4.92
C GLU C 43 -13.45 -3.40 -5.89
N GLN C 44 -13.04 -4.43 -6.65
CA GLN C 44 -13.93 -5.10 -7.61
C GLN C 44 -13.67 -6.60 -7.52
N ASP C 45 -14.74 -7.39 -7.63
CA ASP C 45 -14.54 -8.83 -7.72
C ASP C 45 -15.69 -9.49 -8.51
N MET C 46 -15.72 -10.83 -8.54
CA MET C 46 -16.86 -11.52 -9.14
C MET C 46 -17.14 -12.66 -8.28
N ALA C 47 -18.44 -13.01 -8.17
CA ALA C 47 -18.85 -14.26 -7.55
C ALA C 47 -19.11 -15.11 -8.73
N VAL C 48 -18.86 -16.41 -8.59
CA VAL C 48 -19.10 -17.33 -9.65
C VAL C 48 -19.84 -18.52 -8.99
N ASP C 49 -21.00 -18.86 -9.54
CA ASP C 49 -21.77 -19.94 -8.95
C ASP C 49 -21.33 -21.31 -9.47
N SER C 50 -21.93 -22.40 -8.98
CA SER C 50 -21.50 -23.74 -9.37
C SER C 50 -21.70 -23.99 -10.86
N ALA C 51 -22.61 -23.26 -11.48
CA ALA C 51 -22.94 -23.47 -12.91
C ALA C 51 -22.05 -22.56 -13.72
N GLY C 52 -21.26 -21.75 -13.00
CA GLY C 52 -20.39 -20.80 -13.66
C GLY C 52 -21.01 -19.47 -14.01
N LYS C 53 -22.23 -19.19 -13.53
CA LYS C 53 -22.86 -17.86 -13.70
C LYS C 53 -22.13 -16.79 -12.92
N ILE C 54 -21.78 -15.71 -13.60
CA ILE C 54 -20.96 -14.65 -12.98
C ILE C 54 -21.78 -13.48 -12.43
N THR C 55 -21.38 -12.97 -11.26
CA THR C 55 -21.94 -11.75 -10.72
C THR C 55 -20.80 -10.79 -10.47
N TYR C 56 -20.88 -9.62 -11.10
CA TYR C 56 -19.82 -8.58 -10.92
C TYR C 56 -20.16 -7.82 -9.67
N ARG C 57 -19.18 -7.61 -8.80
CA ARG C 57 -19.50 -6.91 -7.56
C ARG C 57 -18.47 -5.77 -7.41
N ILE C 58 -18.91 -4.65 -6.81
CA ILE C 58 -17.98 -3.51 -6.78
C ILE C 58 -18.23 -2.78 -5.45
N LYS C 59 -17.15 -2.45 -4.74
CA LYS C 59 -17.25 -1.71 -3.49
C LYS C 59 -16.98 -0.22 -3.77
N LEU C 60 -17.89 0.65 -3.36
CA LEU C 60 -17.71 2.08 -3.55
C LEU C 60 -17.63 2.85 -2.22
N GLU C 61 -16.99 4.00 -2.24
CA GLU C 61 -17.01 4.91 -1.10
C GLU C 61 -17.70 6.19 -1.50
N VAL C 62 -18.71 6.58 -0.70
CA VAL C 62 -19.42 7.78 -0.89
C VAL C 62 -19.39 8.62 0.39
N SER C 63 -19.50 9.92 0.22
CA SER C 63 -19.60 10.81 1.36
C SER C 63 -20.74 11.80 1.10
N PHE C 64 -21.29 12.37 2.16
CA PHE C 64 -22.43 13.30 2.08
C PHE C 64 -22.54 14.01 3.42
N LYS C 65 -23.18 15.19 3.42
CA LYS C 65 -23.27 16.00 4.61
C LYS C 65 -23.97 15.23 5.74
N MET C 66 -23.41 15.31 6.94
CA MET C 66 -24.06 14.82 8.14
C MET C 66 -25.15 15.74 8.61
N ARG C 67 -26.34 15.17 8.63
CA ARG C 67 -27.52 15.91 9.09
C ARG C 67 -27.39 15.92 10.63
N PRO C 68 -27.86 16.98 11.32
CA PRO C 68 -27.67 17.04 12.79
C PRO C 68 -28.32 15.92 13.64
N SER C 69 -29.05 14.99 12.99
CA SER C 69 -29.83 13.93 13.67
C SER C 69 -29.47 12.53 13.19
N GLN C 70 -28.51 12.45 12.28
CA GLN C 70 -28.08 11.17 11.78
C GLN C 70 -27.00 10.61 12.72
N PRO C 71 -26.91 9.27 12.81
CA PRO C 71 -25.73 8.66 13.44
C PRO C 71 -24.51 8.86 12.54
N LEU C 72 -23.34 8.70 13.13
CA LEU C 72 -22.12 8.73 12.37
C LEU C 72 -22.08 7.38 11.62
N SER D 3 -14.33 13.67 -22.83
CA SER D 3 -13.67 14.72 -21.99
C SER D 3 -12.40 14.12 -21.35
N VAL D 4 -11.29 14.85 -21.40
CA VAL D 4 -10.01 14.34 -20.97
C VAL D 4 -9.28 15.36 -20.11
N TYR D 5 -8.68 14.88 -19.03
CA TYR D 5 -8.03 15.70 -18.06
C TYR D 5 -6.60 15.30 -17.91
N LYS D 6 -5.77 16.30 -17.67
CA LYS D 6 -4.34 16.07 -17.42
C LYS D 6 -4.14 16.03 -15.89
N VAL D 7 -3.27 15.17 -15.37
CA VAL D 7 -3.02 15.10 -13.94
C VAL D 7 -1.55 15.47 -13.75
N ILE D 8 -1.22 16.34 -12.79
CA ILE D 8 0.18 16.66 -12.52
C ILE D 8 0.38 16.68 -11.00
N ASP D 9 1.61 16.53 -10.58
CA ASP D 9 1.96 16.68 -9.17
C ASP D 9 2.86 17.90 -9.09
N ILE D 10 2.66 18.65 -8.01
CA ILE D 10 3.41 19.91 -7.80
C ILE D 10 3.74 19.99 -6.35
N ILE D 11 4.83 20.69 -6.06
CA ILE D 11 5.22 20.88 -4.62
C ILE D 11 5.27 22.36 -4.25
N GLY D 12 4.74 22.69 -3.10
CA GLY D 12 4.73 24.08 -2.61
C GLY D 12 5.55 24.05 -1.36
N THR D 13 6.08 25.20 -1.00
CA THR D 13 6.77 25.29 0.28
C THR D 13 6.35 26.57 1.06
N SER D 14 6.58 26.56 2.38
CA SER D 14 6.23 27.69 3.24
C SER D 14 7.05 27.64 4.52
N PRO D 15 7.40 28.82 5.06
CA PRO D 15 8.09 28.79 6.36
C PRO D 15 7.11 28.63 7.49
N THR D 16 5.81 28.78 7.19
CA THR D 16 4.87 28.79 8.26
C THR D 16 3.89 27.62 8.35
N SER D 17 3.39 27.09 7.22
CA SER D 17 2.41 25.96 7.35
C SER D 17 2.35 25.12 6.10
N TRP D 18 1.88 23.89 6.26
CA TRP D 18 1.56 23.07 5.09
C TRP D 18 0.38 23.67 4.35
N GLU D 19 -0.55 24.33 5.04
CA GLU D 19 -1.71 24.96 4.34
C GLU D 19 -1.25 26.05 3.39
N GLN D 20 -0.34 26.87 3.85
CA GLN D 20 0.17 27.99 3.04
C GLN D 20 1.04 27.47 1.87
N ALA D 21 1.84 26.46 2.16
CA ALA D 21 2.66 25.75 1.13
C ALA D 21 1.73 25.19 0.06
N ALA D 22 0.62 24.60 0.50
CA ALA D 22 -0.39 24.09 -0.46
C ALA D 22 -1.11 25.19 -1.26
N ALA D 23 -1.52 26.26 -0.57
CA ALA D 23 -2.14 27.42 -1.19
C ALA D 23 -1.24 27.99 -2.27
N GLU D 24 0.05 28.02 -1.99
CA GLU D 24 0.98 28.61 -2.93
C GLU D 24 1.04 27.80 -4.19
N ALA D 25 1.14 26.47 -4.05
CA ALA D 25 1.22 25.57 -5.23
C ALA D 25 -0.05 25.65 -6.05
N VAL D 26 -1.19 25.61 -5.35
CA VAL D 26 -2.48 25.72 -6.03
C VAL D 26 -2.63 27.04 -6.81
N GLN D 27 -2.23 28.13 -6.21
CA GLN D 27 -2.36 29.45 -6.87
C GLN D 27 -1.42 29.53 -8.10
N ARG D 28 -0.27 28.89 -8.00
CA ARG D 28 0.68 28.90 -9.09
C ARG D 28 0.12 28.07 -10.24
N ALA D 29 -0.52 26.96 -9.92
CA ALA D 29 -1.13 26.10 -10.96
C ALA D 29 -2.25 26.88 -11.65
N ARG D 30 -3.03 27.60 -10.85
CA ARG D 30 -4.16 28.37 -11.40
C ARG D 30 -3.72 29.50 -12.32
N ASP D 31 -2.46 29.89 -12.25
CA ASP D 31 -1.95 30.88 -13.21
C ASP D 31 -1.95 30.37 -14.63
N SER D 32 -1.83 29.05 -14.76
CA SER D 32 -1.69 28.37 -16.04
C SER D 32 -2.96 27.64 -16.48
N VAL D 33 -3.79 27.17 -15.53
CA VAL D 33 -5.04 26.46 -15.91
C VAL D 33 -6.27 26.97 -15.11
N ASP D 34 -7.47 26.91 -15.69
CA ASP D 34 -8.67 27.53 -15.06
C ASP D 34 -9.69 26.56 -14.35
N ASP D 35 -9.53 25.25 -14.55
CA ASP D 35 -10.56 24.31 -14.15
C ASP D 35 -10.15 23.46 -12.93
N ILE D 36 -9.17 23.89 -12.14
CA ILE D 36 -8.73 23.04 -11.01
C ILE D 36 -9.79 23.09 -9.92
N ARG D 37 -10.34 21.94 -9.55
CA ARG D 37 -11.43 21.88 -8.54
C ARG D 37 -11.07 21.12 -7.26
N VAL D 38 -10.04 20.27 -7.35
CA VAL D 38 -9.57 19.42 -6.25
C VAL D 38 -8.05 19.29 -6.29
N ALA D 39 -7.37 19.38 -5.14
CA ALA D 39 -5.94 19.07 -5.07
C ALA D 39 -5.73 18.06 -3.94
N ARG D 40 -5.19 16.89 -4.26
CA ARG D 40 -5.12 15.85 -3.24
C ARG D 40 -3.69 15.89 -2.62
N VAL D 41 -3.58 15.74 -1.29
CA VAL D 41 -2.25 15.72 -0.66
C VAL D 41 -1.64 14.33 -0.84
N ILE D 42 -0.44 14.28 -1.42
CA ILE D 42 0.27 13.00 -1.65
C ILE D 42 1.30 12.79 -0.57
N GLU D 43 2.06 13.81 -0.28
CA GLU D 43 3.17 13.69 0.71
C GLU D 43 3.46 14.99 1.44
N GLN D 44 3.88 14.93 2.71
CA GLN D 44 4.30 16.16 3.43
C GLN D 44 5.69 15.92 3.99
N ASP D 45 6.53 16.94 4.01
CA ASP D 45 7.82 16.79 4.69
C ASP D 45 8.27 18.18 5.19
N MET D 46 9.49 18.24 5.76
CA MET D 46 10.11 19.48 6.19
C MET D 46 11.56 19.48 5.81
N ALA D 47 12.02 20.64 5.28
CA ALA D 47 13.46 20.87 5.15
C ALA D 47 13.91 21.58 6.42
N VAL D 48 15.12 21.29 6.91
CA VAL D 48 15.62 21.87 8.15
C VAL D 48 17.06 22.29 7.87
N ASP D 49 17.38 23.58 7.96
CA ASP D 49 18.77 24.01 7.62
C ASP D 49 19.77 23.75 8.77
N SER D 50 21.05 24.05 8.59
CA SER D 50 22.04 23.72 9.61
C SER D 50 21.84 24.48 10.94
N ALA D 51 21.09 25.59 10.87
CA ALA D 51 20.81 26.45 12.03
C ALA D 51 19.43 26.18 12.67
N GLY D 52 18.67 25.23 12.11
CA GLY D 52 17.45 24.73 12.71
C GLY D 52 16.15 25.34 12.21
N LYS D 53 16.23 26.17 11.16
CA LYS D 53 15.08 26.83 10.52
C LYS D 53 14.34 25.84 9.64
N ILE D 54 13.02 25.87 9.76
CA ILE D 54 12.19 24.82 9.13
C ILE D 54 11.41 25.36 7.91
N THR D 55 11.41 24.62 6.80
CA THR D 55 10.53 24.90 5.65
C THR D 55 9.55 23.72 5.50
N TYR D 56 8.24 24.02 5.49
CA TYR D 56 7.21 22.98 5.30
C TYR D 56 6.99 22.81 3.84
N ARG D 57 7.04 21.57 3.38
CA ARG D 57 6.88 21.28 1.97
C ARG D 57 5.74 20.26 1.78
N ILE D 58 5.01 20.44 0.68
CA ILE D 58 3.86 19.56 0.43
C ILE D 58 3.72 19.21 -1.06
N LYS D 59 3.49 17.94 -1.36
CA LYS D 59 3.28 17.54 -2.72
C LYS D 59 1.77 17.28 -2.93
N LEU D 60 1.23 17.88 -3.99
CA LEU D 60 -0.17 17.79 -4.32
C LEU D 60 -0.32 17.16 -5.73
N GLU D 61 -1.42 16.46 -5.90
CA GLU D 61 -1.82 16.01 -7.25
C GLU D 61 -3.03 16.84 -7.66
N VAL D 62 -3.00 17.41 -8.85
CA VAL D 62 -4.13 18.21 -9.34
C VAL D 62 -4.54 17.76 -10.75
N SER D 63 -5.81 17.89 -11.10
CA SER D 63 -6.21 17.65 -12.48
C SER D 63 -7.05 18.78 -13.00
N PHE D 64 -7.06 18.89 -14.32
CA PHE D 64 -7.84 19.94 -15.01
C PHE D 64 -8.02 19.53 -16.47
N LYS D 65 -9.09 20.05 -17.11
CA LYS D 65 -9.46 19.63 -18.46
C LYS D 65 -8.33 19.94 -19.38
N MET D 66 -7.99 19.02 -20.28
CA MET D 66 -6.94 19.41 -21.15
C MET D 66 -7.52 20.10 -22.39
N ARG D 67 -7.00 21.29 -22.63
CA ARG D 67 -7.49 22.19 -23.67
C ARG D 67 -6.88 21.75 -25.01
N PRO D 68 -7.43 22.25 -26.15
CA PRO D 68 -6.83 21.87 -27.46
C PRO D 68 -5.28 22.06 -27.54
N SER D 69 -4.62 21.11 -28.22
CA SER D 69 -3.16 21.15 -28.54
C SER D 69 -2.20 21.42 -27.40
N SER E 3 29.79 6.86 4.01
CA SER E 3 28.52 7.44 4.59
C SER E 3 27.40 6.41 4.74
N VAL E 4 27.17 5.99 5.98
CA VAL E 4 26.08 5.13 6.33
C VAL E 4 25.29 5.91 7.34
N TYR E 5 23.96 5.87 7.16
CA TYR E 5 23.05 6.60 7.99
C TYR E 5 22.11 5.68 8.74
N LYS E 6 21.67 6.20 9.85
CA LYS E 6 20.61 5.51 10.58
C LYS E 6 19.30 6.24 10.30
N VAL E 7 18.20 5.53 10.27
CA VAL E 7 16.92 6.20 10.07
C VAL E 7 16.09 5.88 11.32
N ILE E 8 15.39 6.84 11.89
CA ILE E 8 14.43 6.49 12.94
C ILE E 8 13.13 7.24 12.75
N ASP E 9 12.10 6.79 13.47
CA ASP E 9 10.77 7.41 13.46
C ASP E 9 10.57 8.04 14.83
N ILE E 10 10.01 9.27 14.87
CA ILE E 10 9.83 9.90 16.16
C ILE E 10 8.47 10.59 16.09
N ILE E 11 7.83 10.78 17.25
CA ILE E 11 6.47 11.40 17.24
C ILE E 11 6.58 12.68 18.04
N GLY E 12 6.09 13.78 17.44
CA GLY E 12 5.96 15.04 18.23
C GLY E 12 4.48 15.28 18.54
N THR E 13 4.19 16.06 19.59
CA THR E 13 2.79 16.37 19.87
C THR E 13 2.70 17.86 20.22
N SER E 14 1.52 18.43 19.98
CA SER E 14 1.34 19.85 20.34
C SER E 14 -0.14 20.14 20.42
N PRO E 15 -0.56 21.05 21.32
CA PRO E 15 -1.95 21.48 21.27
C PRO E 15 -2.21 22.48 20.09
N THR E 16 -1.15 22.95 19.46
CA THR E 16 -1.29 24.08 18.52
C THR E 16 -1.63 23.58 17.08
N SER E 17 -0.79 22.69 16.54
CA SER E 17 -0.93 22.30 15.16
C SER E 17 -0.09 21.08 14.91
N TRP E 18 -0.32 20.45 13.76
CA TRP E 18 0.63 19.40 13.37
C TRP E 18 2.02 20.01 13.05
N GLU E 19 2.09 21.23 12.52
CA GLU E 19 3.36 21.83 12.23
C GLU E 19 4.19 21.98 13.52
N GLN E 20 3.56 22.51 14.59
CA GLN E 20 4.26 22.73 15.84
C GLN E 20 4.66 21.38 16.47
N ALA E 21 3.79 20.37 16.37
CA ALA E 21 4.13 18.98 16.82
C ALA E 21 5.39 18.48 16.08
N ALA E 22 5.42 18.69 14.76
CA ALA E 22 6.61 18.34 13.95
C ALA E 22 7.88 19.10 14.42
N ALA E 23 7.76 20.43 14.58
CA ALA E 23 8.90 21.27 15.02
C ALA E 23 9.40 20.78 16.41
N GLU E 24 8.48 20.38 17.27
CA GLU E 24 8.88 19.82 18.59
C GLU E 24 9.76 18.61 18.48
N ALA E 25 9.35 17.63 17.68
CA ALA E 25 10.15 16.39 17.47
C ALA E 25 11.51 16.76 16.80
N VAL E 26 11.47 17.63 15.79
CA VAL E 26 12.69 18.04 15.08
C VAL E 26 13.64 18.72 16.09
N GLN E 27 13.13 19.64 16.87
CA GLN E 27 13.95 20.31 17.85
C GLN E 27 14.68 19.34 18.80
N ARG E 28 13.90 18.39 19.31
CA ARG E 28 14.38 17.36 20.23
C ARG E 28 15.46 16.50 19.57
N ALA E 29 15.24 16.13 18.31
CA ALA E 29 16.24 15.32 17.62
C ALA E 29 17.54 16.08 17.46
N ARG E 30 17.44 17.40 17.32
CA ARG E 30 18.64 18.24 17.11
C ARG E 30 19.52 18.36 18.35
N ASP E 31 18.93 18.16 19.52
CA ASP E 31 19.66 18.01 20.78
C ASP E 31 20.64 16.83 20.77
N SER E 32 20.26 15.75 20.06
CA SER E 32 21.08 14.52 19.91
C SER E 32 22.03 14.53 18.68
N VAL E 33 21.56 14.99 17.51
CA VAL E 33 22.39 14.99 16.28
C VAL E 33 22.21 16.32 15.56
N ASP E 34 23.19 16.73 14.76
CA ASP E 34 23.15 18.03 14.09
C ASP E 34 22.94 17.95 12.58
N ASP E 35 23.07 16.78 11.98
CA ASP E 35 23.00 16.74 10.52
C ASP E 35 21.63 16.36 9.95
N ILE E 36 20.54 16.56 10.70
CA ILE E 36 19.20 16.25 10.16
C ILE E 36 18.76 17.37 9.21
N ARG E 37 18.51 17.02 7.95
CA ARG E 37 18.15 18.04 6.94
C ARG E 37 16.71 17.91 6.39
N VAL E 38 16.10 16.76 6.57
CA VAL E 38 14.72 16.57 6.09
C VAL E 38 14.02 15.67 7.08
N ALA E 39 12.72 15.88 7.26
CA ALA E 39 11.91 15.03 8.14
C ALA E 39 10.69 14.75 7.32
N ARG E 40 10.39 13.47 7.09
CA ARG E 40 9.24 13.10 6.25
C ARG E 40 8.05 12.74 7.17
N VAL E 41 6.86 13.25 6.84
CA VAL E 41 5.68 12.86 7.63
C VAL E 41 5.16 11.46 7.23
N ILE E 42 5.01 10.59 8.25
CA ILE E 42 4.58 9.22 7.99
C ILE E 42 3.11 9.04 8.36
N GLU E 43 2.71 9.64 9.43
CA GLU E 43 1.31 9.48 9.96
C GLU E 43 0.91 10.68 10.77
N GLN E 44 -0.39 11.05 10.81
CA GLN E 44 -0.86 12.12 11.70
C GLN E 44 -2.06 11.57 12.42
N ASP E 45 -2.23 11.98 13.66
CA ASP E 45 -3.51 11.71 14.38
C ASP E 45 -3.74 12.79 15.43
N MET E 46 -4.91 12.70 16.11
CA MET E 46 -5.18 13.57 17.22
C MET E 46 -5.64 12.79 18.41
N ALA E 47 -5.27 13.23 19.60
CA ALA E 47 -5.96 12.74 20.81
C ALA E 47 -6.87 13.79 21.33
N VAL E 48 -7.95 13.35 21.96
CA VAL E 48 -8.88 14.31 22.46
C VAL E 48 -9.26 13.80 23.83
N ASP E 49 -9.27 14.72 24.78
CA ASP E 49 -9.60 14.40 26.15
C ASP E 49 -11.10 14.62 26.41
N SER E 50 -11.57 14.32 27.61
CA SER E 50 -13.00 14.42 27.91
C SER E 50 -13.55 15.85 27.81
N ALA E 51 -12.68 16.84 27.94
CA ALA E 51 -13.11 18.25 27.82
C ALA E 51 -13.08 18.80 26.37
N GLY E 52 -12.76 17.93 25.41
CA GLY E 52 -12.63 18.36 24.03
C GLY E 52 -11.28 19.00 23.71
N LYS E 53 -10.31 18.96 24.66
CA LYS E 53 -8.95 19.45 24.37
C LYS E 53 -8.26 18.50 23.43
N ILE E 54 -7.72 19.07 22.37
CA ILE E 54 -7.11 18.23 21.33
C ILE E 54 -5.60 18.30 21.40
N THR E 55 -4.94 17.16 21.17
CA THR E 55 -3.48 17.12 21.04
C THR E 55 -3.21 16.62 19.63
N TYR E 56 -2.51 17.42 18.79
CA TYR E 56 -2.14 17.00 17.43
C TYR E 56 -0.88 16.14 17.56
N ARG E 57 -0.84 14.97 16.88
CA ARG E 57 0.34 14.08 16.98
C ARG E 57 0.82 13.76 15.59
N ILE E 58 2.15 13.67 15.43
CA ILE E 58 2.68 13.47 14.09
C ILE E 58 3.88 12.56 14.19
N LYS E 59 4.00 11.60 13.25
CA LYS E 59 5.14 10.64 13.28
C LYS E 59 6.01 11.09 12.09
N LEU E 60 7.31 11.30 12.37
CA LEU E 60 8.27 11.78 11.34
C LEU E 60 9.33 10.74 11.18
N GLU E 61 9.82 10.60 9.95
CA GLU E 61 11.03 9.80 9.75
C GLU E 61 12.21 10.76 9.44
N VAL E 62 13.33 10.52 10.15
CA VAL E 62 14.52 11.32 9.92
C VAL E 62 15.76 10.40 9.80
N SER E 63 16.83 10.89 9.17
CA SER E 63 18.01 10.07 9.02
C SER E 63 19.23 10.95 9.31
N PHE E 64 20.33 10.32 9.75
CA PHE E 64 21.50 11.12 10.14
C PHE E 64 22.69 10.14 10.08
N LYS E 65 23.88 10.67 9.89
CA LYS E 65 25.02 9.82 9.69
C LYS E 65 25.24 9.03 10.99
N MET E 66 25.66 7.77 10.85
CA MET E 66 25.90 6.92 12.03
C MET E 66 27.06 7.42 12.87
N ARG E 67 26.94 7.24 14.19
CA ARG E 67 27.96 7.78 15.12
C ARG E 67 27.77 7.03 16.45
N PRO E 68 28.85 6.92 17.22
CA PRO E 68 28.89 6.19 18.50
C PRO E 68 27.80 6.58 19.50
N SER E 69 27.34 7.84 19.49
CA SER E 69 26.36 8.27 20.49
C SER E 69 24.93 7.85 20.13
N GLN E 70 24.75 7.32 18.92
CA GLN E 70 23.44 6.84 18.47
C GLN E 70 23.49 5.35 18.07
N PRO E 71 23.76 4.47 19.04
CA PRO E 71 24.00 3.07 18.69
C PRO E 71 22.75 2.51 17.98
N LEU E 72 23.01 1.53 17.13
CA LEU E 72 22.00 0.99 16.26
C LEU E 72 20.82 0.47 17.06
N VAL F 2 -18.27 -8.49 27.18
CA VAL F 2 -17.84 -8.54 25.75
C VAL F 2 -17.80 -7.11 25.17
N SER F 3 -16.59 -6.66 24.79
CA SER F 3 -16.28 -5.28 24.39
C SER F 3 -15.88 -5.10 22.86
N VAL F 4 -16.80 -4.54 22.10
CA VAL F 4 -16.73 -4.50 20.65
C VAL F 4 -16.97 -3.03 20.22
N TYR F 5 -16.19 -2.56 19.25
CA TYR F 5 -16.22 -1.18 18.88
C TYR F 5 -16.58 -1.02 17.42
N LYS F 6 -17.24 0.07 17.09
CA LYS F 6 -17.55 0.40 15.69
C LYS F 6 -16.41 1.35 15.25
N VAL F 7 -16.05 1.30 13.96
CA VAL F 7 -15.10 2.21 13.39
C VAL F 7 -15.81 2.95 12.24
N ILE F 8 -15.63 4.24 12.16
CA ILE F 8 -16.25 4.98 11.05
C ILE F 8 -15.25 5.98 10.50
N ASP F 9 -15.47 6.40 9.25
CA ASP F 9 -14.66 7.49 8.71
C ASP F 9 -15.54 8.72 8.63
N ILE F 10 -14.96 9.88 8.88
CA ILE F 10 -15.79 11.09 8.78
C ILE F 10 -14.94 12.12 8.14
N ILE F 11 -15.54 13.09 7.50
CA ILE F 11 -14.71 14.18 6.88
C ILE F 11 -15.06 15.53 7.50
N GLY F 12 -14.02 16.31 7.87
CA GLY F 12 -14.31 17.75 8.24
C GLY F 12 -13.74 18.65 7.16
N THR F 13 -14.26 19.89 7.08
CA THR F 13 -13.81 20.89 6.09
C THR F 13 -13.65 22.21 6.76
N SER F 14 -12.73 23.04 6.25
CA SER F 14 -12.52 24.39 6.80
C SER F 14 -11.76 25.24 5.77
N PRO F 15 -12.14 26.51 5.63
CA PRO F 15 -11.37 27.37 4.75
C PRO F 15 -10.03 27.73 5.38
N THR F 16 -9.85 27.38 6.66
CA THR F 16 -8.73 27.89 7.41
C THR F 16 -7.55 26.92 7.50
N SER F 17 -7.81 25.68 7.96
CA SER F 17 -6.69 24.75 8.13
C SER F 17 -7.21 23.35 8.23
N TRP F 18 -6.30 22.41 8.08
CA TRP F 18 -6.66 21.01 8.19
C TRP F 18 -6.87 20.73 9.70
N GLU F 19 -6.13 21.42 10.57
CA GLU F 19 -6.41 21.31 12.03
C GLU F 19 -7.88 21.70 12.36
N GLN F 20 -8.34 22.86 11.86
CA GLN F 20 -9.70 23.31 12.20
C GLN F 20 -10.77 22.34 11.61
N ALA F 21 -10.55 21.90 10.36
CA ALA F 21 -11.34 20.85 9.68
C ALA F 21 -11.46 19.58 10.53
N ALA F 22 -10.34 19.11 11.03
CA ALA F 22 -10.30 17.88 11.88
C ALA F 22 -11.08 18.15 13.19
N ALA F 23 -10.80 19.29 13.83
CA ALA F 23 -11.38 19.63 15.13
C ALA F 23 -12.89 19.73 14.99
N GLU F 24 -13.36 20.27 13.85
CA GLU F 24 -14.83 20.41 13.63
C GLU F 24 -15.47 19.02 13.55
N ALA F 25 -14.85 18.15 12.77
CA ALA F 25 -15.31 16.77 12.63
C ALA F 25 -15.33 16.04 13.97
N VAL F 26 -14.25 16.14 14.72
CA VAL F 26 -14.17 15.47 16.02
C VAL F 26 -15.23 16.02 16.96
N GLN F 27 -15.40 17.33 16.97
CA GLN F 27 -16.37 17.93 17.88
C GLN F 27 -17.76 17.43 17.50
N ARG F 28 -18.04 17.33 16.21
CA ARG F 28 -19.36 16.87 15.80
C ARG F 28 -19.53 15.41 16.20
N ALA F 29 -18.48 14.61 15.99
CA ALA F 29 -18.49 13.21 16.42
C ALA F 29 -18.78 13.09 17.92
N ARG F 30 -18.14 13.98 18.71
CA ARG F 30 -18.30 13.93 20.18
C ARG F 30 -19.65 14.40 20.69
N ASP F 31 -20.36 15.18 19.87
CA ASP F 31 -21.72 15.55 20.19
C ASP F 31 -22.58 14.32 20.29
N SER F 32 -22.27 13.28 19.54
CA SER F 32 -23.08 12.06 19.50
C SER F 32 -22.49 11.01 20.43
N VAL F 33 -21.18 10.92 20.47
CA VAL F 33 -20.53 9.85 21.22
C VAL F 33 -19.36 10.48 22.02
N ASP F 34 -19.54 10.54 23.32
CA ASP F 34 -18.64 11.26 24.23
C ASP F 34 -17.27 10.62 24.37
N ASP F 35 -17.20 9.31 24.19
CA ASP F 35 -15.99 8.57 24.45
C ASP F 35 -14.98 8.44 23.32
N ILE F 36 -15.06 9.25 22.26
CA ILE F 36 -13.99 9.21 21.25
C ILE F 36 -12.79 9.90 21.84
N ARG F 37 -11.63 9.26 21.74
CA ARG F 37 -10.40 9.75 22.37
C ARG F 37 -9.25 9.98 21.39
N VAL F 38 -9.30 9.34 20.22
CA VAL F 38 -8.24 9.39 19.18
C VAL F 38 -8.91 9.49 17.83
N ALA F 39 -8.31 10.20 16.91
CA ALA F 39 -8.85 10.19 15.55
C ALA F 39 -7.59 10.08 14.67
N ARG F 40 -7.59 9.13 13.69
CA ARG F 40 -6.40 8.92 12.83
C ARG F 40 -6.68 9.64 11.51
N VAL F 41 -5.70 10.43 10.99
CA VAL F 41 -5.85 11.02 9.65
C VAL F 41 -5.63 9.97 8.54
N ILE F 42 -6.63 9.85 7.67
CA ILE F 42 -6.58 8.90 6.54
C ILE F 42 -6.16 9.59 5.23
N GLU F 43 -6.75 10.75 4.98
CA GLU F 43 -6.42 11.51 3.76
C GLU F 43 -6.66 13.00 3.94
N GLN F 44 -5.97 13.83 3.14
CA GLN F 44 -6.21 15.28 3.14
C GLN F 44 -6.31 15.72 1.68
N ASP F 45 -7.17 16.71 1.43
CA ASP F 45 -7.17 17.35 0.12
C ASP F 45 -7.67 18.74 0.26
N MET F 46 -7.88 19.39 -0.87
CA MET F 46 -8.51 20.72 -0.93
C MET F 46 -9.57 20.77 -2.03
N ALA F 47 -10.68 21.42 -1.76
CA ALA F 47 -11.60 21.70 -2.83
C ALA F 47 -11.34 23.17 -3.17
N VAL F 48 -11.36 23.46 -4.48
CA VAL F 48 -11.02 24.77 -4.97
C VAL F 48 -12.20 25.23 -5.80
N ASP F 49 -12.73 26.40 -5.49
CA ASP F 49 -13.86 26.90 -6.27
C ASP F 49 -13.40 27.68 -7.48
N SER F 50 -14.38 28.14 -8.26
CA SER F 50 -14.14 28.75 -9.53
C SER F 50 -13.84 30.24 -9.45
N ALA F 51 -13.39 30.75 -8.30
CA ALA F 51 -12.50 31.93 -8.23
C ALA F 51 -11.39 31.84 -7.18
N GLY F 52 -11.01 30.59 -6.88
CA GLY F 52 -9.76 30.30 -6.17
C GLY F 52 -9.84 30.09 -4.68
N LYS F 53 -11.04 30.14 -4.11
CA LYS F 53 -11.22 29.90 -2.67
C LYS F 53 -10.96 28.42 -2.38
N ILE F 54 -10.00 28.21 -1.48
CA ILE F 54 -9.63 26.85 -1.05
C ILE F 54 -10.40 26.44 0.19
N THR F 55 -10.93 25.23 0.15
CA THR F 55 -11.45 24.56 1.34
C THR F 55 -10.57 23.37 1.66
N TYR F 56 -9.95 23.39 2.85
CA TYR F 56 -9.17 22.23 3.33
C TYR F 56 -10.12 21.14 3.84
N ARG F 57 -9.89 19.89 3.41
CA ARG F 57 -10.75 18.74 3.81
C ARG F 57 -9.86 17.64 4.33
N ILE F 58 -10.41 16.93 5.29
CA ILE F 58 -9.60 15.88 5.93
C ILE F 58 -10.53 14.69 6.31
N LYS F 59 -10.05 13.48 6.07
CA LYS F 59 -10.85 12.29 6.37
C LYS F 59 -10.24 11.64 7.59
N LEU F 60 -11.04 11.37 8.62
CA LEU F 60 -10.49 10.83 9.84
C LEU F 60 -11.16 9.53 10.10
N GLU F 61 -10.45 8.67 10.81
CA GLU F 61 -11.07 7.42 11.26
C GLU F 61 -11.22 7.47 12.79
N VAL F 62 -12.41 7.15 13.32
CA VAL F 62 -12.61 7.12 14.77
C VAL F 62 -13.29 5.80 15.12
N SER F 63 -13.08 5.35 16.36
CA SER F 63 -13.73 4.14 16.89
C SER F 63 -14.34 4.45 18.26
N PHE F 64 -15.33 3.66 18.62
CA PHE F 64 -16.05 3.84 19.91
C PHE F 64 -16.91 2.62 20.14
N LYS F 65 -17.27 2.40 21.39
CA LYS F 65 -17.96 1.20 21.77
C LYS F 65 -19.29 1.15 21.03
N MET F 66 -19.68 -0.04 20.61
CA MET F 66 -20.89 -0.21 19.87
C MET F 66 -22.08 0.21 20.72
N ARG F 67 -23.06 0.85 20.09
CA ARG F 67 -24.33 1.10 20.81
C ARG F 67 -25.50 1.26 19.82
N PRO F 68 -26.70 0.99 20.29
CA PRO F 68 -27.86 0.90 19.38
C PRO F 68 -28.27 2.25 18.76
N SER F 69 -27.87 3.36 19.38
CA SER F 69 -28.08 4.65 18.74
C SER F 69 -27.09 4.93 17.60
N GLN F 70 -26.08 4.06 17.46
CA GLN F 70 -25.17 4.18 16.33
C GLN F 70 -25.13 2.80 15.62
N PRO F 71 -26.23 2.39 14.95
CA PRO F 71 -26.32 0.96 14.57
C PRO F 71 -25.23 0.60 13.58
N LEU F 72 -24.78 -0.67 13.70
CA LEU F 72 -23.87 -1.40 12.78
C LEU F 72 -22.78 -2.34 13.41
N VAL G 2 21.77 -23.17 -5.36
CA VAL G 2 20.54 -22.84 -6.15
C VAL G 2 20.44 -21.34 -6.43
N SER G 3 20.24 -21.02 -7.69
CA SER G 3 20.22 -19.67 -8.02
C SER G 3 18.75 -19.27 -8.15
N VAL G 4 17.86 -20.24 -8.30
CA VAL G 4 16.42 -19.89 -8.53
C VAL G 4 15.46 -20.59 -7.59
N TYR G 5 14.50 -19.82 -7.04
CA TYR G 5 13.50 -20.26 -6.13
C TYR G 5 12.05 -20.04 -6.65
N LYS G 6 11.30 -21.08 -6.53
CA LYS G 6 9.85 -21.00 -6.85
C LYS G 6 9.12 -20.38 -5.67
N VAL G 7 8.03 -19.67 -5.98
CA VAL G 7 7.25 -19.05 -4.93
C VAL G 7 5.81 -19.49 -5.23
N ILE G 8 5.07 -19.80 -4.18
CA ILE G 8 3.62 -20.11 -4.29
C ILE G 8 2.84 -19.47 -3.11
N ASP G 9 1.56 -19.15 -3.36
CA ASP G 9 0.74 -18.69 -2.23
C ASP G 9 -0.27 -19.83 -1.98
N ILE G 10 -0.50 -20.09 -0.70
CA ILE G 10 -1.38 -21.17 -0.32
C ILE G 10 -2.26 -20.68 0.85
N ILE G 11 -3.41 -21.31 0.97
CA ILE G 11 -4.34 -21.01 2.08
C ILE G 11 -4.57 -22.25 2.92
N GLY G 12 -4.49 -22.04 4.25
CA GLY G 12 -4.90 -23.12 5.21
C GLY G 12 -6.19 -22.69 5.94
N THR G 13 -6.88 -23.68 6.50
CA THR G 13 -8.09 -23.29 7.31
C THR G 13 -8.13 -24.07 8.60
N SER G 14 -8.84 -23.54 9.59
CA SER G 14 -8.95 -24.26 10.89
C SER G 14 -10.14 -23.77 11.67
N PRO G 15 -10.78 -24.65 12.44
CA PRO G 15 -11.87 -24.06 13.29
C PRO G 15 -11.32 -23.47 14.62
N THR G 16 -10.00 -23.55 14.81
CA THR G 16 -9.42 -23.34 16.12
C THR G 16 -8.44 -22.17 16.14
N SER G 17 -7.62 -22.04 15.08
CA SER G 17 -6.63 -20.91 15.14
C SER G 17 -6.06 -20.63 13.73
N TRP G 18 -5.60 -19.40 13.53
CA TRP G 18 -4.85 -19.11 12.32
C TRP G 18 -3.53 -19.87 12.37
N GLU G 19 -3.03 -20.11 13.61
CA GLU G 19 -1.70 -20.83 13.69
C GLU G 19 -1.87 -22.27 13.13
N GLN G 20 -2.93 -22.95 13.52
CA GLN G 20 -3.21 -24.29 12.97
C GLN G 20 -3.45 -24.22 11.46
N ALA G 21 -4.22 -23.24 10.99
CA ALA G 21 -4.53 -23.15 9.59
C ALA G 21 -3.17 -23.00 8.85
N ALA G 22 -2.28 -22.19 9.41
CA ALA G 22 -0.96 -21.94 8.74
C ALA G 22 -0.03 -23.17 8.80
N ALA G 23 0.05 -23.79 9.95
CA ALA G 23 0.89 -25.02 10.09
C ALA G 23 0.42 -26.11 9.11
N GLU G 24 -0.91 -26.30 8.95
CA GLU G 24 -1.40 -27.31 8.00
C GLU G 24 -1.02 -27.04 6.55
N ALA G 25 -1.08 -25.78 6.18
CA ALA G 25 -0.78 -25.37 4.83
C ALA G 25 0.68 -25.56 4.63
N VAL G 26 1.50 -25.08 5.57
CA VAL G 26 2.92 -25.33 5.43
C VAL G 26 3.29 -26.80 5.37
N GLN G 27 2.76 -27.61 6.30
CA GLN G 27 3.13 -29.04 6.32
C GLN G 27 2.69 -29.74 5.02
N ARG G 28 1.56 -29.31 4.44
CA ARG G 28 1.11 -29.98 3.20
C ARG G 28 2.07 -29.57 2.10
N ALA G 29 2.55 -28.33 2.08
CA ALA G 29 3.52 -27.96 1.05
C ALA G 29 4.86 -28.72 1.22
N ARG G 30 5.28 -28.90 2.48
CA ARG G 30 6.50 -29.60 2.79
C ARG G 30 6.49 -31.09 2.45
N ASP G 31 5.32 -31.68 2.33
CA ASP G 31 5.20 -33.02 1.83
C ASP G 31 5.72 -33.18 0.42
N SER G 32 5.65 -32.11 -0.33
CA SER G 32 5.97 -32.15 -1.82
C SER G 32 7.34 -31.52 -1.89
N VAL G 33 7.53 -30.33 -1.26
CA VAL G 33 8.88 -29.74 -1.29
C VAL G 33 9.42 -29.39 0.08
N ASP G 34 10.43 -30.11 0.53
CA ASP G 34 10.78 -30.04 1.96
C ASP G 34 11.79 -28.98 2.46
N ASP G 35 12.33 -28.13 1.56
CA ASP G 35 13.28 -27.10 1.94
C ASP G 35 12.58 -25.71 2.17
N ILE G 36 11.27 -25.70 2.38
CA ILE G 36 10.56 -24.47 2.84
C ILE G 36 11.07 -24.14 4.21
N ARG G 37 11.57 -22.92 4.40
CA ARG G 37 12.12 -22.49 5.68
C ARG G 37 11.36 -21.25 6.26
N VAL G 38 10.67 -20.51 5.41
CA VAL G 38 9.97 -19.28 5.87
C VAL G 38 8.63 -19.20 5.18
N ALA G 39 7.55 -18.97 5.94
CA ALA G 39 6.29 -18.71 5.30
C ALA G 39 5.75 -17.34 5.76
N ARG G 40 5.52 -16.39 4.83
CA ARG G 40 5.05 -15.07 5.14
C ARG G 40 3.53 -15.00 5.13
N VAL G 41 2.94 -14.41 6.21
CA VAL G 41 1.48 -14.20 6.23
C VAL G 41 1.09 -13.01 5.33
N ILE G 42 0.21 -13.32 4.33
CA ILE G 42 -0.19 -12.26 3.40
C ILE G 42 -1.58 -11.69 3.79
N GLU G 43 -2.48 -12.56 4.18
CA GLU G 43 -3.87 -12.14 4.48
C GLU G 43 -4.51 -13.12 5.47
N GLN G 44 -5.42 -12.59 6.30
CA GLN G 44 -6.12 -13.44 7.25
C GLN G 44 -7.60 -13.08 7.12
N ASP G 45 -8.46 -14.10 7.26
CA ASP G 45 -9.92 -13.85 7.34
C ASP G 45 -10.64 -14.92 8.13
N MET G 46 -11.95 -14.77 8.20
CA MET G 46 -12.84 -15.82 8.76
C MET G 46 -13.98 -16.03 7.83
N ALA G 47 -14.39 -17.29 7.66
CA ALA G 47 -15.68 -17.62 7.02
C ALA G 47 -16.63 -17.97 8.12
N VAL G 48 -17.89 -17.57 7.97
CA VAL G 48 -18.86 -17.70 9.00
C VAL G 48 -20.05 -18.36 8.30
N ASP G 49 -20.51 -19.51 8.78
CA ASP G 49 -21.66 -20.15 8.14
C ASP G 49 -22.97 -19.65 8.79
N SER G 50 -24.13 -19.96 8.20
CA SER G 50 -25.41 -19.44 8.68
C SER G 50 -25.78 -19.76 10.13
N ALA G 51 -25.03 -20.69 10.75
CA ALA G 51 -25.18 -20.99 12.18
C ALA G 51 -24.28 -20.13 13.00
N GLY G 52 -23.33 -19.47 12.35
CA GLY G 52 -22.40 -18.69 13.09
C GLY G 52 -21.09 -19.42 13.34
N LYS G 53 -20.96 -20.66 12.82
CA LYS G 53 -19.70 -21.39 13.02
C LYS G 53 -18.55 -20.69 12.24
N ILE G 54 -17.43 -20.46 12.90
CA ILE G 54 -16.32 -19.71 12.34
C ILE G 54 -15.20 -20.67 11.85
N THR G 55 -14.72 -20.41 10.66
CA THR G 55 -13.51 -21.04 10.16
C THR G 55 -12.45 -19.93 9.97
N TYR G 56 -11.27 -20.11 10.57
CA TYR G 56 -10.14 -19.13 10.48
C TYR G 56 -9.40 -19.52 9.18
N ARG G 57 -9.08 -18.55 8.35
CA ARG G 57 -8.39 -18.87 7.08
C ARG G 57 -7.16 -17.96 6.97
N ILE G 58 -6.07 -18.48 6.39
CA ILE G 58 -4.86 -17.69 6.25
C ILE G 58 -4.17 -17.94 4.94
N LYS G 59 -3.68 -16.86 4.32
CA LYS G 59 -2.96 -17.06 3.02
C LYS G 59 -1.48 -16.78 3.33
N LEU G 60 -0.65 -17.71 2.89
CA LEU G 60 0.80 -17.64 3.13
C LEU G 60 1.58 -17.64 1.82
N GLU G 61 2.71 -16.97 1.80
CA GLU G 61 3.62 -17.07 0.65
C GLU G 61 4.81 -17.86 1.12
N VAL G 62 5.18 -18.82 0.30
CA VAL G 62 6.32 -19.64 0.63
C VAL G 62 7.26 -19.81 -0.59
N SER G 63 8.54 -19.96 -0.36
CA SER G 63 9.42 -20.23 -1.50
C SER G 63 10.36 -21.41 -1.17
N PHE G 64 10.90 -21.98 -2.21
CA PHE G 64 11.76 -23.17 -2.12
C PHE G 64 12.52 -23.29 -3.42
N LYS G 65 13.60 -24.06 -3.42
CA LYS G 65 14.41 -24.15 -4.62
C LYS G 65 13.61 -24.64 -5.77
N MET G 66 13.77 -24.03 -6.93
CA MET G 66 13.01 -24.51 -8.08
C MET G 66 13.70 -25.76 -8.65
N ARG G 67 12.96 -26.86 -8.76
CA ARG G 67 13.57 -28.11 -9.25
C ARG G 67 13.67 -28.11 -10.73
N PRO G 68 14.56 -28.95 -11.32
CA PRO G 68 14.54 -29.17 -12.77
C PRO G 68 13.17 -29.77 -13.08
N SER G 69 12.64 -29.38 -14.24
CA SER G 69 11.37 -29.89 -14.77
C SER G 69 10.22 -29.63 -13.84
N GLN G 70 10.28 -28.58 -13.03
CA GLN G 70 9.15 -28.19 -12.17
C GLN G 70 8.48 -26.97 -12.82
N PRO G 71 7.16 -26.95 -12.88
CA PRO G 71 6.52 -25.76 -13.51
C PRO G 71 6.70 -24.53 -12.66
N LEU G 72 6.50 -23.38 -13.29
CA LEU G 72 6.70 -22.13 -12.59
C LEU G 72 5.61 -21.85 -11.59
N VAL H 2 -32.77 -5.31 -6.21
CA VAL H 2 -32.00 -4.72 -5.09
C VAL H 2 -30.68 -5.48 -4.96
N SER H 3 -30.35 -5.92 -3.74
CA SER H 3 -29.04 -6.49 -3.43
C SER H 3 -27.94 -5.40 -3.43
N VAL H 4 -28.04 -4.45 -2.48
CA VAL H 4 -26.90 -3.57 -2.13
C VAL H 4 -26.43 -3.90 -0.73
N TYR H 5 -25.11 -3.97 -0.51
CA TYR H 5 -24.56 -4.31 0.81
C TYR H 5 -23.85 -3.12 1.42
N LYS H 6 -23.79 -3.07 2.73
CA LYS H 6 -23.04 -2.07 3.45
C LYS H 6 -21.80 -2.75 3.95
N VAL H 7 -20.67 -2.05 3.88
CA VAL H 7 -19.43 -2.56 4.34
C VAL H 7 -18.93 -1.72 5.56
N ILE H 8 -18.62 -2.39 6.67
CA ILE H 8 -18.18 -1.62 7.83
C ILE H 8 -17.01 -2.29 8.50
N ASP H 9 -16.28 -1.50 9.27
CA ASP H 9 -15.19 -2.07 10.09
C ASP H 9 -15.63 -2.10 11.56
N ILE H 10 -15.22 -3.17 12.27
CA ILE H 10 -15.57 -3.28 13.66
C ILE H 10 -14.29 -3.84 14.36
N ILE H 11 -14.14 -3.51 15.65
CA ILE H 11 -12.96 -3.99 16.41
C ILE H 11 -13.48 -4.82 17.59
N GLY H 12 -12.86 -6.00 17.72
CA GLY H 12 -13.10 -6.80 18.92
C GLY H 12 -11.82 -6.91 19.74
N THR H 13 -11.98 -7.30 21.03
CA THR H 13 -10.82 -7.26 21.90
C THR H 13 -10.93 -8.50 22.79
N SER H 14 -9.78 -8.99 23.25
CA SER H 14 -9.79 -10.14 24.20
C SER H 14 -8.47 -10.20 24.94
N PRO H 15 -8.44 -10.59 26.20
CA PRO H 15 -7.11 -10.83 26.84
C PRO H 15 -6.43 -12.14 26.29
N THR H 16 -7.21 -12.92 25.53
CA THR H 16 -6.75 -14.30 25.23
C THR H 16 -6.08 -14.45 23.90
N SER H 17 -6.75 -14.02 22.82
CA SER H 17 -6.13 -14.24 21.52
C SER H 17 -6.82 -13.24 20.53
N TRP H 18 -6.20 -13.07 19.37
CA TRP H 18 -6.82 -12.30 18.28
C TRP H 18 -7.99 -13.06 17.68
N GLU H 19 -7.96 -14.39 17.74
CA GLU H 19 -9.12 -15.13 17.19
C GLU H 19 -10.31 -14.93 18.07
N GLN H 20 -10.07 -14.94 19.40
CA GLN H 20 -11.26 -14.76 20.31
C GLN H 20 -11.80 -13.31 20.15
N ALA H 21 -10.87 -12.35 19.96
CA ALA H 21 -11.28 -10.93 19.87
C ALA H 21 -12.11 -10.88 18.57
N ALA H 22 -11.61 -11.50 17.51
CA ALA H 22 -12.46 -11.51 16.26
C ALA H 22 -13.84 -12.16 16.43
N ALA H 23 -13.84 -13.36 17.07
CA ALA H 23 -15.11 -14.12 17.29
C ALA H 23 -16.16 -13.26 18.03
N GLU H 24 -15.65 -12.48 18.97
CA GLU H 24 -16.54 -11.62 19.79
C GLU H 24 -17.18 -10.57 18.92
N ALA H 25 -16.34 -10.03 18.04
CA ALA H 25 -16.83 -8.94 17.16
C ALA H 25 -17.84 -9.48 16.17
N VAL H 26 -17.58 -10.65 15.58
CA VAL H 26 -18.45 -11.25 14.58
C VAL H 26 -19.74 -11.69 15.22
N GLN H 27 -19.65 -12.17 16.45
CA GLN H 27 -20.90 -12.64 17.12
C GLN H 27 -21.81 -11.51 17.49
N ARG H 28 -21.24 -10.45 17.99
CA ARG H 28 -21.92 -9.18 18.15
C ARG H 28 -22.53 -8.61 16.87
N ALA H 29 -21.78 -8.60 15.76
CA ALA H 29 -22.34 -8.09 14.50
C ALA H 29 -23.48 -8.98 14.01
N ARG H 30 -23.36 -10.29 14.20
CA ARG H 30 -24.39 -11.19 13.70
C ARG H 30 -25.70 -11.06 14.44
N ASP H 31 -25.72 -10.46 15.63
CA ASP H 31 -27.03 -10.24 16.20
C ASP H 31 -27.76 -8.95 15.76
N SER H 32 -27.08 -8.06 15.05
CA SER H 32 -27.64 -6.82 14.52
C SER H 32 -27.97 -6.97 13.01
N VAL H 33 -27.18 -7.76 12.25
CA VAL H 33 -27.31 -7.73 10.75
C VAL H 33 -27.39 -9.09 10.01
N ASP H 34 -27.01 -10.17 10.67
CA ASP H 34 -27.50 -11.53 10.27
C ASP H 34 -27.09 -12.28 8.91
N ASP H 35 -26.49 -11.61 7.90
CA ASP H 35 -26.01 -12.33 6.69
C ASP H 35 -24.49 -12.14 6.46
N ILE H 36 -23.75 -12.08 7.54
CA ILE H 36 -22.29 -11.88 7.43
C ILE H 36 -21.71 -13.28 7.20
N ARG H 37 -20.91 -13.40 6.15
CA ARG H 37 -20.38 -14.72 5.75
C ARG H 37 -18.84 -14.76 5.75
N VAL H 38 -18.21 -13.61 5.73
CA VAL H 38 -16.74 -13.52 5.72
C VAL H 38 -16.41 -12.27 6.51
N ALA H 39 -15.33 -12.30 7.27
CA ALA H 39 -14.85 -11.11 7.96
C ALA H 39 -13.37 -11.03 7.63
N ARG H 40 -12.95 -9.91 7.01
CA ARG H 40 -11.52 -9.77 6.67
C ARG H 40 -10.70 -9.07 7.72
N VAL H 41 -9.51 -9.58 8.01
CA VAL H 41 -8.69 -8.92 9.07
C VAL H 41 -7.99 -7.72 8.42
N ILE H 42 -8.16 -6.51 8.99
CA ILE H 42 -7.55 -5.35 8.40
C ILE H 42 -6.30 -4.92 9.21
N GLU H 43 -6.38 -5.03 10.54
CA GLU H 43 -5.31 -4.55 11.43
C GLU H 43 -5.38 -5.31 12.72
N GLN H 44 -4.20 -5.53 13.32
CA GLN H 44 -4.13 -6.15 14.64
C GLN H 44 -3.20 -5.33 15.52
N ASP H 45 -3.52 -5.22 16.81
CA ASP H 45 -2.61 -4.56 17.73
C ASP H 45 -2.83 -5.16 19.14
N MET H 46 -2.09 -4.59 20.11
CA MET H 46 -2.32 -4.97 21.53
C MET H 46 -2.39 -3.68 22.33
N ALA H 47 -3.26 -3.61 23.34
CA ALA H 47 -3.18 -2.52 24.33
C ALA H 47 -2.54 -3.19 25.53
N VAL H 48 -1.63 -2.48 26.18
CA VAL H 48 -0.97 -3.01 27.31
C VAL H 48 -1.24 -2.03 28.44
N ASP H 49 -1.71 -2.52 29.57
CA ASP H 49 -2.02 -1.57 30.65
C ASP H 49 -0.77 -1.30 31.50
N SER H 50 -0.89 -0.49 32.54
CA SER H 50 0.26 -0.10 33.34
C SER H 50 0.81 -1.28 34.18
N ALA H 51 0.03 -2.36 34.28
CA ALA H 51 0.47 -3.52 35.05
C ALA H 51 1.10 -4.52 34.13
N GLY H 52 1.07 -4.23 32.82
CA GLY H 52 1.57 -5.16 31.82
C GLY H 52 0.54 -6.18 31.26
N LYS H 53 -0.73 -6.06 31.64
CA LYS H 53 -1.73 -6.99 31.03
C LYS H 53 -2.02 -6.63 29.60
N ILE H 54 -2.07 -7.64 28.74
CA ILE H 54 -2.30 -7.44 27.30
C ILE H 54 -3.77 -7.69 26.95
N THR H 55 -4.28 -6.78 26.12
CA THR H 55 -5.55 -6.93 25.42
C THR H 55 -5.24 -6.98 23.92
N TYR H 56 -5.54 -8.13 23.31
CA TYR H 56 -5.34 -8.31 21.86
C TYR H 56 -6.58 -7.65 21.20
N ARG H 57 -6.31 -6.80 20.19
CA ARG H 57 -7.42 -6.10 19.50
C ARG H 57 -7.29 -6.33 17.97
N ILE H 58 -8.46 -6.43 17.31
CA ILE H 58 -8.42 -6.78 15.90
C ILE H 58 -9.49 -6.01 15.14
N LYS H 59 -9.10 -5.41 14.03
CA LYS H 59 -10.09 -4.67 13.18
C LYS H 59 -10.48 -5.59 11.99
N LEU H 60 -11.81 -5.79 11.80
CA LEU H 60 -12.32 -6.64 10.78
C LEU H 60 -13.23 -5.84 9.86
N GLU H 61 -13.25 -6.20 8.59
CA GLU H 61 -14.20 -5.63 7.64
C GLU H 61 -15.26 -6.72 7.40
N VAL H 62 -16.54 -6.35 7.53
CA VAL H 62 -17.66 -7.23 7.20
C VAL H 62 -18.69 -6.53 6.34
N SER H 63 -19.42 -7.25 5.50
CA SER H 63 -20.45 -6.65 4.69
C SER H 63 -21.73 -7.40 4.93
N PHE H 64 -22.83 -6.66 4.88
CA PHE H 64 -24.14 -7.26 5.18
C PHE H 64 -25.17 -6.62 4.28
N LYS H 65 -26.28 -7.31 4.00
CA LYS H 65 -27.17 -6.88 2.97
C LYS H 65 -28.06 -5.81 3.60
N MET H 66 -28.18 -4.63 3.02
CA MET H 66 -29.14 -3.70 3.63
C MET H 66 -30.59 -3.92 3.32
N ARG H 67 -31.43 -3.62 4.32
CA ARG H 67 -32.87 -3.69 4.14
C ARG H 67 -33.27 -2.66 3.08
N PRO H 68 -34.31 -2.97 2.29
CA PRO H 68 -34.72 -2.13 1.17
C PRO H 68 -34.90 -0.64 1.52
N SER H 69 -35.18 -0.34 2.79
CA SER H 69 -35.52 1.02 3.15
C SER H 69 -34.58 1.62 4.19
N GLN H 70 -33.65 0.80 4.66
CA GLN H 70 -32.70 1.17 5.68
C GLN H 70 -31.85 2.41 5.29
N PRO H 71 -31.67 3.35 6.24
CA PRO H 71 -30.85 4.54 6.01
C PRO H 71 -29.36 4.20 6.04
N LEU H 72 -28.54 5.12 5.56
CA LEU H 72 -27.14 4.76 5.30
C LEU H 72 -26.16 4.77 6.51
N VAL I 2 5.50 20.33 25.36
CA VAL I 2 5.02 19.40 24.29
C VAL I 2 5.95 18.18 24.13
N SER I 3 5.39 16.98 24.34
CA SER I 3 6.14 15.78 24.52
C SER I 3 6.56 15.13 23.18
N VAL I 4 7.63 14.34 23.24
CA VAL I 4 8.15 13.63 22.05
C VAL I 4 8.20 12.20 22.37
N TYR I 5 7.95 11.30 21.41
CA TYR I 5 7.95 9.89 21.68
C TYR I 5 8.89 9.19 20.70
N LYS I 6 9.49 8.14 21.20
CA LYS I 6 10.33 7.33 20.41
C LYS I 6 9.51 6.22 19.88
N VAL I 7 9.82 5.76 18.67
CA VAL I 7 9.12 4.67 18.03
C VAL I 7 10.19 3.59 17.74
N ILE I 8 9.91 2.34 18.06
CA ILE I 8 10.81 1.26 17.55
C ILE I 8 10.01 0.06 17.10
N ASP I 9 10.64 -0.72 16.26
CA ASP I 9 10.07 -2.03 15.87
C ASP I 9 10.85 -3.16 16.46
N ILE I 10 10.15 -4.20 16.88
CA ILE I 10 10.83 -5.32 17.51
C ILE I 10 10.18 -6.60 17.01
N ILE I 11 10.89 -7.73 17.12
CA ILE I 11 10.26 -8.98 16.67
C ILE I 11 10.28 -9.95 17.80
N GLY I 12 9.13 -10.55 18.02
CA GLY I 12 9.07 -11.62 19.05
C GLY I 12 8.94 -12.95 18.34
N THR I 13 9.30 -14.03 19.00
CA THR I 13 9.10 -15.34 18.41
C THR I 13 8.67 -16.39 19.46
N SER I 14 7.96 -17.44 19.00
CA SER I 14 7.52 -18.48 19.96
C SER I 14 7.12 -19.71 19.18
N PRO I 15 7.35 -20.89 19.74
CA PRO I 15 6.81 -22.05 19.10
C PRO I 15 5.25 -22.19 19.30
N THR I 16 4.70 -21.37 20.18
CA THR I 16 3.29 -21.57 20.64
C THR I 16 2.34 -20.89 19.68
N SER I 17 2.50 -19.58 19.49
CA SER I 17 1.51 -18.86 18.73
C SER I 17 2.02 -17.47 18.42
N TRP I 18 1.34 -16.77 17.53
CA TRP I 18 1.70 -15.38 17.34
C TRP I 18 1.34 -14.52 18.59
N GLU I 19 0.24 -14.82 19.27
CA GLU I 19 -0.06 -14.11 20.52
C GLU I 19 1.09 -14.25 21.49
N GLN I 20 1.61 -15.46 21.63
CA GLN I 20 2.75 -15.67 22.60
C GLN I 20 4.02 -14.97 22.12
N ALA I 21 4.30 -15.07 20.80
CA ALA I 21 5.47 -14.37 20.25
C ALA I 21 5.31 -12.86 20.55
N ALA I 22 4.09 -12.35 20.37
CA ALA I 22 3.87 -10.92 20.63
C ALA I 22 4.05 -10.59 22.15
N ALA I 23 3.57 -11.46 23.04
CA ALA I 23 3.69 -11.26 24.47
C ALA I 23 5.13 -11.32 24.90
N GLU I 24 5.92 -12.17 24.28
CA GLU I 24 7.36 -12.27 24.65
C GLU I 24 7.98 -10.90 24.28
N ALA I 25 7.63 -10.37 23.12
CA ALA I 25 8.29 -9.11 22.70
C ALA I 25 7.87 -7.92 23.61
N VAL I 26 6.58 -7.85 23.94
CA VAL I 26 6.04 -6.86 24.92
C VAL I 26 6.74 -7.00 26.28
N GLN I 27 6.90 -8.22 26.76
CA GLN I 27 7.53 -8.46 28.08
C GLN I 27 8.96 -7.88 28.01
N ARG I 28 9.66 -8.18 26.93
CA ARG I 28 11.08 -7.76 26.81
C ARG I 28 11.14 -6.23 26.73
N ALA I 29 10.15 -5.63 26.03
CA ALA I 29 10.15 -4.17 25.86
C ALA I 29 9.88 -3.47 27.23
N ARG I 30 8.96 -4.05 28.00
CA ARG I 30 8.64 -3.52 29.31
C ARG I 30 9.78 -3.72 30.27
N ASP I 31 10.73 -4.61 30.01
CA ASP I 31 11.94 -4.68 30.92
C ASP I 31 12.73 -3.37 30.84
N SER I 32 12.57 -2.65 29.73
CA SER I 32 13.37 -1.40 29.50
C SER I 32 12.56 -0.14 29.65
N VAL I 33 11.26 -0.18 29.30
CA VAL I 33 10.45 1.04 29.42
C VAL I 33 9.08 0.82 30.10
N ASP I 34 8.60 1.77 30.88
CA ASP I 34 7.37 1.57 31.65
C ASP I 34 6.08 1.76 30.84
N ASP I 35 6.17 2.53 29.75
CA ASP I 35 4.98 3.24 29.28
C ASP I 35 4.62 2.89 27.90
N ILE I 36 4.99 1.71 27.44
CA ILE I 36 4.36 1.22 26.22
C ILE I 36 2.87 0.92 26.51
N ARG I 37 1.98 1.48 25.72
CA ARG I 37 0.56 1.19 25.93
C ARG I 37 -0.12 0.58 24.74
N VAL I 38 0.46 0.75 23.54
CA VAL I 38 -0.06 0.11 22.30
C VAL I 38 1.13 -0.52 21.52
N ALA I 39 0.96 -1.72 20.98
CA ALA I 39 1.95 -2.30 20.13
C ALA I 39 1.18 -2.71 18.86
N ARG I 40 1.54 -2.16 17.71
CA ARG I 40 0.82 -2.44 16.47
C ARG I 40 1.50 -3.61 15.75
N VAL I 41 0.69 -4.52 15.20
CA VAL I 41 1.28 -5.60 14.42
C VAL I 41 1.66 -5.10 13.00
N ILE I 42 2.93 -5.34 12.61
CA ILE I 42 3.38 -4.88 11.28
C ILE I 42 3.41 -6.04 10.31
N GLU I 43 3.93 -7.15 10.79
CA GLU I 43 4.08 -8.32 9.89
C GLU I 43 4.10 -9.58 10.71
N GLN I 44 3.68 -10.68 10.09
CA GLN I 44 3.76 -12.04 10.78
C GLN I 44 4.34 -13.00 9.79
N ASP I 45 5.16 -13.93 10.31
CA ASP I 45 5.58 -15.08 9.47
C ASP I 45 5.86 -16.30 10.37
N MET I 46 6.39 -17.33 9.74
CA MET I 46 6.73 -18.56 10.43
C MET I 46 8.05 -18.97 9.87
N ALA I 47 8.88 -19.51 10.77
CA ALA I 47 10.15 -20.06 10.38
C ALA I 47 10.00 -21.57 10.60
N VAL I 48 10.52 -22.37 9.68
CA VAL I 48 10.34 -23.81 9.78
C VAL I 48 11.70 -24.40 9.68
N ASP I 49 12.06 -25.23 10.65
CA ASP I 49 13.40 -25.77 10.59
C ASP I 49 13.45 -27.05 9.75
N SER I 50 14.63 -27.69 9.65
CA SER I 50 14.73 -28.90 8.82
C SER I 50 13.88 -30.07 9.31
N ALA I 51 13.50 -30.06 10.59
CA ALA I 51 12.70 -31.13 11.16
C ALA I 51 11.23 -30.86 11.02
N GLY I 52 10.86 -29.72 10.44
CA GLY I 52 9.45 -29.34 10.34
C GLY I 52 8.89 -28.62 11.54
N LYS I 53 9.74 -28.29 12.50
CA LYS I 53 9.26 -27.53 13.63
C LYS I 53 9.07 -26.08 13.26
N ILE I 54 7.95 -25.55 13.74
CA ILE I 54 7.58 -24.18 13.42
C ILE I 54 7.85 -23.23 14.59
N THR I 55 8.35 -22.05 14.24
CA THR I 55 8.39 -20.93 15.14
C THR I 55 7.57 -19.75 14.56
N TYR I 56 6.63 -19.20 15.35
CA TYR I 56 5.79 -18.09 14.92
C TYR I 56 6.56 -16.84 15.22
N ARG I 57 6.58 -15.91 14.28
CA ARG I 57 7.35 -14.65 14.51
C ARG I 57 6.44 -13.51 14.16
N ILE I 58 6.65 -12.39 14.89
CA ILE I 58 5.76 -11.28 14.68
C ILE I 58 6.53 -9.96 14.88
N LYS I 59 6.35 -8.99 13.97
CA LYS I 59 7.04 -7.70 14.08
C LYS I 59 6.02 -6.68 14.62
N LEU I 60 6.43 -5.96 15.66
CA LEU I 60 5.49 -5.05 16.33
C LEU I 60 6.12 -3.69 16.26
N GLU I 61 5.29 -2.66 16.22
CA GLU I 61 5.76 -1.27 16.36
C GLU I 61 5.28 -0.74 17.70
N VAL I 62 6.20 -0.21 18.51
CA VAL I 62 5.79 0.37 19.81
C VAL I 62 6.31 1.79 19.98
N SER I 63 5.57 2.63 20.72
CA SER I 63 6.12 3.97 20.99
C SER I 63 6.06 4.19 22.51
N PHE I 64 6.87 5.13 22.97
CA PHE I 64 6.91 5.53 24.41
C PHE I 64 7.63 6.85 24.54
N LYS I 65 7.46 7.52 25.68
CA LYS I 65 7.99 8.82 25.90
C LYS I 65 9.51 8.82 25.69
N MET I 66 10.00 9.79 24.93
CA MET I 66 11.40 9.91 24.74
C MET I 66 11.94 10.73 25.92
N ARG I 67 12.92 10.16 26.58
CA ARG I 67 13.60 10.85 27.66
C ARG I 67 14.84 11.63 27.17
N PRO I 68 15.17 12.78 27.78
CA PRO I 68 16.28 13.58 27.16
C PRO I 68 17.61 12.81 26.90
N SER I 69 17.82 11.67 27.56
CA SER I 69 19.08 10.97 27.44
C SER I 69 18.81 9.86 26.50
N GLN I 70 19.86 9.15 26.12
CA GLN I 70 19.50 8.05 25.20
C GLN I 70 18.94 8.44 23.78
N PRO I 71 19.12 7.49 22.89
CA PRO I 71 19.22 7.61 21.45
C PRO I 71 17.87 7.94 20.84
N LEU I 72 17.91 8.68 19.75
CA LEU I 72 16.69 8.82 18.95
C LEU I 72 16.15 7.47 18.47
N SER J 3 15.85 -14.66 21.54
CA SER J 3 14.52 -14.88 20.90
C SER J 3 13.62 -13.61 20.70
N VAL J 4 14.16 -12.43 21.02
CA VAL J 4 13.55 -11.12 20.64
C VAL J 4 14.59 -10.27 19.89
N TYR J 5 14.21 -9.66 18.76
CA TYR J 5 15.09 -8.97 17.85
C TYR J 5 14.66 -7.50 17.69
N LYS J 6 15.63 -6.61 17.51
CA LYS J 6 15.35 -5.22 17.18
C LYS J 6 15.46 -5.12 15.73
N VAL J 7 14.59 -4.30 15.15
CA VAL J 7 14.59 -4.05 13.72
C VAL J 7 14.99 -2.61 13.55
N ILE J 8 15.91 -2.34 12.64
CA ILE J 8 16.20 -0.90 12.39
C ILE J 8 16.34 -0.70 10.86
N ASP J 9 16.22 0.56 10.44
CA ASP J 9 16.46 0.94 9.05
C ASP J 9 17.78 1.69 8.98
N ILE J 10 18.55 1.38 7.94
CA ILE J 10 19.76 2.12 7.73
C ILE J 10 19.84 2.48 6.22
N ILE J 11 20.65 3.48 5.89
CA ILE J 11 20.89 3.87 4.50
C ILE J 11 22.36 3.74 4.19
N GLY J 12 22.63 3.02 3.09
CA GLY J 12 24.00 2.94 2.57
C GLY J 12 24.10 3.89 1.38
N THR J 13 25.31 4.36 1.08
CA THR J 13 25.48 5.14 -0.17
C THR J 13 26.73 4.69 -0.89
N SER J 14 26.79 4.96 -2.20
CA SER J 14 27.90 4.64 -3.03
C SER J 14 27.81 5.43 -4.37
N PRO J 15 28.95 5.81 -4.95
CA PRO J 15 28.92 6.39 -6.31
C PRO J 15 28.85 5.32 -7.40
N THR J 16 28.97 4.05 -7.00
CA THR J 16 29.14 2.91 -7.91
C THR J 16 27.80 2.18 -8.20
N SER J 17 27.08 1.75 -7.15
CA SER J 17 25.95 0.87 -7.40
C SER J 17 25.15 0.77 -6.11
N TRP J 18 23.87 0.42 -6.28
CA TRP J 18 23.02 0.13 -5.11
C TRP J 18 23.52 -1.09 -4.33
N GLU J 19 24.11 -2.04 -5.03
CA GLU J 19 24.69 -3.26 -4.41
C GLU J 19 25.80 -2.89 -3.44
N GLN J 20 26.71 -2.04 -3.90
CA GLN J 20 27.82 -1.63 -3.02
C GLN J 20 27.34 -0.73 -1.88
N ALA J 21 26.37 0.16 -2.14
CA ALA J 21 25.87 1.01 -1.08
C ALA J 21 25.26 0.10 0.01
N ALA J 22 24.52 -0.93 -0.43
CA ALA J 22 23.82 -1.91 0.49
C ALA J 22 24.81 -2.68 1.27
N ALA J 23 25.82 -3.13 0.55
CA ALA J 23 26.83 -3.99 1.20
C ALA J 23 27.59 -3.22 2.26
N GLU J 24 27.95 -1.97 1.94
CA GLU J 24 28.69 -1.10 2.89
C GLU J 24 27.88 -0.96 4.14
N ALA J 25 26.59 -0.67 3.97
CA ALA J 25 25.72 -0.40 5.12
C ALA J 25 25.65 -1.68 5.98
N VAL J 26 25.49 -2.84 5.33
CA VAL J 26 25.39 -4.11 6.10
C VAL J 26 26.69 -4.45 6.82
N GLN J 27 27.84 -4.23 6.18
CA GLN J 27 29.10 -4.44 6.85
C GLN J 27 29.28 -3.51 8.03
N ARG J 28 28.85 -2.26 7.90
CA ARG J 28 28.98 -1.35 9.02
C ARG J 28 28.08 -1.79 10.17
N ALA J 29 26.85 -2.17 9.85
CA ALA J 29 25.96 -2.74 10.86
C ALA J 29 26.54 -3.96 11.56
N ARG J 30 27.06 -4.92 10.81
CA ARG J 30 27.76 -6.11 11.34
C ARG J 30 28.97 -5.80 12.29
N ASP J 31 29.62 -4.65 12.11
CA ASP J 31 30.68 -4.21 13.03
C ASP J 31 30.24 -4.09 14.47
N SER J 32 28.96 -3.78 14.65
CA SER J 32 28.43 -3.43 15.96
C SER J 32 27.28 -4.32 16.47
N VAL J 33 26.48 -4.91 15.58
CA VAL J 33 25.41 -5.81 16.07
C VAL J 33 25.59 -7.30 15.75
N ASP J 34 26.45 -7.63 14.79
CA ASP J 34 27.00 -9.02 14.50
C ASP J 34 26.13 -10.35 14.32
N ASP J 35 24.79 -10.33 14.35
CA ASP J 35 23.99 -11.49 13.85
C ASP J 35 22.90 -11.13 12.78
N ILE J 36 23.24 -10.22 11.90
CA ILE J 36 22.31 -9.86 10.85
C ILE J 36 22.28 -11.03 9.85
N ARG J 37 21.08 -11.46 9.47
CA ARG J 37 20.93 -12.56 8.51
C ARG J 37 20.28 -12.09 7.20
N VAL J 38 19.45 -11.07 7.23
CA VAL J 38 18.71 -10.66 6.00
C VAL J 38 18.61 -9.18 6.05
N ALA J 39 18.84 -8.52 4.92
CA ALA J 39 18.57 -7.10 4.85
C ALA J 39 17.61 -6.86 3.72
N ARG J 40 16.48 -6.26 4.07
CA ARG J 40 15.38 -6.07 3.07
C ARG J 40 15.50 -4.64 2.50
N VAL J 41 15.43 -4.52 1.16
CA VAL J 41 15.44 -3.19 0.50
C VAL J 41 14.06 -2.57 0.66
N ILE J 42 14.05 -1.37 1.28
CA ILE J 42 12.84 -0.58 1.49
C ILE J 42 12.63 0.52 0.42
N GLU J 43 13.71 1.23 0.08
CA GLU J 43 13.64 2.30 -0.87
C GLU J 43 14.98 2.50 -1.52
N GLN J 44 14.98 3.03 -2.73
CA GLN J 44 16.23 3.37 -3.43
C GLN J 44 16.04 4.78 -4.02
N ASP J 45 17.13 5.53 -3.99
CA ASP J 45 17.10 6.79 -4.71
C ASP J 45 18.50 7.20 -5.17
N MET J 46 18.58 8.36 -5.84
CA MET J 46 19.90 8.89 -6.22
C MET J 46 19.99 10.33 -5.79
N ALA J 47 21.14 10.68 -5.25
CA ALA J 47 21.43 12.12 -5.07
C ALA J 47 22.28 12.61 -6.21
N VAL J 48 22.02 13.83 -6.71
CA VAL J 48 22.77 14.30 -7.87
C VAL J 48 23.27 15.72 -7.58
N ASP J 49 24.49 16.02 -8.01
CA ASP J 49 25.02 17.40 -7.83
C ASP J 49 25.07 18.14 -9.13
N SER J 50 25.52 19.41 -9.12
CA SER J 50 25.48 20.24 -10.31
C SER J 50 26.42 19.76 -11.39
N ALA J 51 27.52 19.10 -10.99
CA ALA J 51 28.46 18.53 -11.97
C ALA J 51 27.86 17.25 -12.61
N GLY J 52 26.82 16.73 -11.98
CA GLY J 52 26.14 15.50 -12.41
C GLY J 52 26.70 14.22 -11.82
N LYS J 53 27.53 14.33 -10.77
CA LYS J 53 27.98 13.18 -9.98
C LYS J 53 26.82 12.60 -9.19
N ILE J 54 26.64 11.29 -9.35
CA ILE J 54 25.52 10.58 -8.81
C ILE J 54 25.97 9.81 -7.59
N THR J 55 25.18 9.89 -6.51
CA THR J 55 25.36 8.99 -5.37
C THR J 55 24.12 8.06 -5.27
N TYR J 56 24.32 6.74 -5.31
CA TYR J 56 23.20 5.78 -5.20
C TYR J 56 22.94 5.52 -3.72
N ARG J 57 21.70 5.65 -3.31
CA ARG J 57 21.41 5.56 -1.86
C ARG J 57 20.37 4.46 -1.70
N ILE J 58 20.51 3.66 -0.64
CA ILE J 58 19.56 2.55 -0.47
C ILE J 58 19.15 2.42 0.99
N LYS J 59 17.86 2.36 1.24
CA LYS J 59 17.42 2.19 2.65
C LYS J 59 17.12 0.69 2.86
N LEU J 60 17.70 0.08 3.88
CA LEU J 60 17.50 -1.35 4.20
C LEU J 60 16.94 -1.50 5.65
N GLU J 61 16.19 -2.57 5.86
CA GLU J 61 15.63 -2.95 7.19
C GLU J 61 16.43 -4.20 7.58
N VAL J 62 17.08 -4.20 8.75
CA VAL J 62 17.84 -5.36 9.17
C VAL J 62 17.32 -5.65 10.61
N SER J 63 17.24 -6.90 10.99
CA SER J 63 16.89 -7.23 12.35
C SER J 63 18.09 -7.90 12.97
N PHE J 64 18.21 -7.75 14.28
CA PHE J 64 19.37 -8.32 15.05
C PHE J 64 18.93 -8.72 16.44
N LYS J 65 19.53 -9.77 17.02
CA LYS J 65 19.13 -10.32 18.30
C LYS J 65 19.48 -9.31 19.36
N MET J 66 18.53 -9.01 20.22
CA MET J 66 18.89 -7.99 21.18
C MET J 66 19.49 -8.76 22.34
N ARG J 67 20.68 -8.31 22.73
CA ARG J 67 21.42 -8.90 23.86
C ARG J 67 20.74 -8.39 25.15
N PRO J 68 20.55 -9.23 26.17
CA PRO J 68 19.86 -8.79 27.41
C PRO J 68 20.18 -7.35 27.93
N SER J 69 19.91 -6.33 27.11
CA SER J 69 20.23 -4.90 27.37
C SER J 69 19.12 -3.90 26.97
N GLN J 70 19.39 -2.60 27.22
CA GLN J 70 18.52 -1.52 26.80
C GLN J 70 19.04 -0.92 25.51
N SER K 3 8.49 29.19 -3.21
CA SER K 3 8.83 28.60 -4.54
C SER K 3 7.93 27.42 -4.79
N VAL K 4 7.85 26.99 -6.03
CA VAL K 4 6.94 25.91 -6.39
C VAL K 4 7.71 25.00 -7.34
N TYR K 5 7.62 23.68 -7.16
CA TYR K 5 8.37 22.70 -7.94
C TYR K 5 7.42 21.84 -8.73
N LYS K 6 7.81 21.46 -9.96
CA LYS K 6 7.05 20.44 -10.70
C LYS K 6 7.63 19.07 -10.41
N VAL K 7 6.79 18.04 -10.29
CA VAL K 7 7.28 16.66 -10.08
C VAL K 7 6.93 15.84 -11.33
N ILE K 8 7.89 15.11 -11.87
CA ILE K 8 7.59 14.27 -13.04
C ILE K 8 8.18 12.89 -12.84
N ASP K 9 7.60 11.91 -13.52
CA ASP K 9 8.14 10.60 -13.56
C ASP K 9 8.82 10.36 -14.96
N ILE K 10 9.98 9.70 -14.96
CA ILE K 10 10.66 9.37 -16.22
C ILE K 10 11.19 7.94 -16.11
N ILE K 11 11.39 7.32 -17.27
CA ILE K 11 11.91 5.94 -17.33
C ILE K 11 13.17 5.92 -18.13
N GLY K 12 14.19 5.30 -17.53
CA GLY K 12 15.49 5.08 -18.23
C GLY K 12 15.64 3.61 -18.55
N THR K 13 16.37 3.28 -19.62
CA THR K 13 16.60 1.83 -19.91
C THR K 13 18.05 1.53 -20.18
N SER K 14 18.51 0.28 -19.95
CA SER K 14 19.93 -0.04 -20.22
C SER K 14 20.05 -1.54 -20.36
N PRO K 15 20.97 -2.02 -21.24
CA PRO K 15 21.20 -3.44 -21.32
C PRO K 15 22.11 -3.92 -20.14
N THR K 16 22.65 -2.97 -19.40
CA THR K 16 23.68 -3.26 -18.38
C THR K 16 23.17 -3.30 -16.95
N SER K 17 22.45 -2.26 -16.50
CA SER K 17 22.08 -2.22 -15.09
C SER K 17 21.00 -1.22 -14.86
N TRP K 18 20.34 -1.36 -13.71
CA TRP K 18 19.36 -0.37 -13.37
C TRP K 18 20.03 0.94 -13.02
N GLU K 19 21.27 0.87 -12.54
CA GLU K 19 22.00 2.14 -12.22
C GLU K 19 22.28 2.94 -13.51
N GLN K 20 22.77 2.23 -14.52
CA GLN K 20 23.02 2.85 -15.83
C GLN K 20 21.69 3.39 -16.42
N ALA K 21 20.61 2.59 -16.36
CA ALA K 21 19.29 3.10 -16.85
C ALA K 21 18.87 4.40 -16.12
N ALA K 22 18.99 4.40 -14.80
CA ALA K 22 18.66 5.58 -13.95
C ALA K 22 19.54 6.79 -14.32
N ALA K 23 20.85 6.58 -14.43
CA ALA K 23 21.77 7.69 -14.73
C ALA K 23 21.49 8.25 -16.10
N GLU K 24 21.16 7.37 -17.06
CA GLU K 24 20.78 7.84 -18.43
C GLU K 24 19.59 8.80 -18.35
N ALA K 25 18.56 8.37 -17.62
CA ALA K 25 17.32 9.16 -17.44
C ALA K 25 17.59 10.46 -16.72
N VAL K 26 18.40 10.43 -15.64
CA VAL K 26 18.73 11.65 -14.91
C VAL K 26 19.56 12.61 -15.74
N GLN K 27 20.57 12.08 -16.42
CA GLN K 27 21.37 12.93 -17.31
C GLN K 27 20.49 13.64 -18.36
N ARG K 28 19.57 12.90 -18.97
CA ARG K 28 18.64 13.49 -19.93
C ARG K 28 17.72 14.57 -19.30
N ALA K 29 17.15 14.29 -18.12
CA ALA K 29 16.39 15.33 -17.40
C ALA K 29 17.24 16.58 -17.20
N ARG K 30 18.45 16.43 -16.70
CA ARG K 30 19.30 17.62 -16.51
C ARG K 30 19.72 18.37 -17.78
N ASP K 31 19.42 17.79 -18.94
CA ASP K 31 19.56 18.52 -20.17
C ASP K 31 18.47 19.62 -20.31
N SER K 32 17.26 19.38 -19.79
CA SER K 32 16.13 20.33 -19.91
C SER K 32 16.02 21.19 -18.70
N VAL K 33 16.55 20.72 -17.58
CA VAL K 33 16.60 21.48 -16.35
C VAL K 33 17.68 20.99 -15.36
N ASP K 34 18.82 21.67 -15.39
CA ASP K 34 19.88 21.53 -14.40
C ASP K 34 19.40 22.21 -13.07
N ASP K 35 19.11 21.39 -12.07
CA ASP K 35 18.39 21.80 -10.86
C ASP K 35 17.88 20.51 -10.16
N ILE K 36 18.04 19.37 -10.79
CA ILE K 36 17.56 18.14 -10.15
C ILE K 36 18.62 17.69 -9.15
N ARG K 37 18.21 17.41 -7.90
CA ARG K 37 19.16 17.05 -6.84
C ARG K 37 18.91 15.61 -6.31
N VAL K 38 17.68 15.11 -6.46
CA VAL K 38 17.29 13.75 -6.03
C VAL K 38 16.37 13.09 -7.07
N ALA K 39 16.49 11.78 -7.30
CA ALA K 39 15.54 11.05 -8.11
C ALA K 39 15.23 9.81 -7.30
N ARG K 40 13.96 9.63 -7.01
CA ARG K 40 13.50 8.50 -6.25
C ARG K 40 13.09 7.34 -7.16
N VAL K 41 13.55 6.12 -6.85
CA VAL K 41 13.10 4.99 -7.65
C VAL K 41 11.66 4.57 -7.30
N ILE K 42 10.82 4.48 -8.32
CA ILE K 42 9.40 4.16 -8.11
C ILE K 42 9.14 2.67 -8.45
N GLU K 43 9.65 2.26 -9.60
CA GLU K 43 9.47 0.88 -10.03
C GLU K 43 10.67 0.45 -10.85
N GLN K 44 10.95 -0.86 -10.85
CA GLN K 44 11.96 -1.43 -11.71
C GLN K 44 11.40 -2.62 -12.44
N ASP K 45 11.78 -2.76 -13.70
CA ASP K 45 11.39 -4.00 -14.37
C ASP K 45 12.44 -4.36 -15.45
N MET K 46 12.16 -5.43 -16.23
CA MET K 46 13.02 -5.80 -17.36
C MET K 46 12.10 -6.06 -18.52
N ALA K 47 12.54 -5.65 -19.68
CA ALA K 47 11.90 -6.11 -20.93
C ALA K 47 12.81 -7.26 -21.41
N VAL K 48 12.20 -8.27 -22.01
CA VAL K 48 12.90 -9.47 -22.43
C VAL K 48 12.40 -9.73 -23.84
N ASP K 49 13.30 -9.81 -24.81
CA ASP K 49 12.87 -10.03 -26.17
C ASP K 49 12.80 -11.58 -26.47
N SER K 50 12.41 -11.98 -27.68
CA SER K 50 12.21 -13.42 -27.92
C SER K 50 13.51 -14.26 -27.97
N ALA K 51 14.66 -13.60 -28.05
CA ALA K 51 15.97 -14.29 -27.95
C ALA K 51 16.46 -14.31 -26.49
N GLY K 52 15.66 -13.73 -25.60
CA GLY K 52 15.96 -13.68 -24.17
C GLY K 52 16.93 -12.56 -23.81
N LYS K 53 17.12 -11.62 -24.74
CA LYS K 53 17.92 -10.43 -24.43
C LYS K 53 17.16 -9.50 -23.46
N ILE K 54 17.82 -9.09 -22.36
CA ILE K 54 17.19 -8.32 -21.26
C ILE K 54 17.49 -6.84 -21.38
N THR K 55 16.47 -6.01 -21.14
CA THR K 55 16.67 -4.58 -21.11
C THR K 55 16.23 -4.17 -19.69
N TYR K 56 17.12 -3.58 -18.83
CA TYR K 56 16.73 -3.19 -17.46
C TYR K 56 16.05 -1.80 -17.55
N ARG K 57 14.91 -1.65 -16.90
CA ARG K 57 14.17 -0.38 -17.01
C ARG K 57 13.78 0.08 -15.64
N ILE K 58 13.76 1.42 -15.47
CA ILE K 58 13.60 1.96 -14.10
C ILE K 58 12.81 3.25 -14.21
N LYS K 59 11.87 3.45 -13.30
CA LYS K 59 10.98 4.62 -13.31
C LYS K 59 11.38 5.44 -12.08
N LEU K 60 11.67 6.72 -12.33
CA LEU K 60 12.22 7.60 -11.31
C LEU K 60 11.25 8.76 -11.17
N GLU K 61 11.12 9.25 -9.94
CA GLU K 61 10.42 10.54 -9.75
C GLU K 61 11.46 11.63 -9.49
N VAL K 62 11.37 12.78 -10.20
CA VAL K 62 12.27 13.92 -10.00
C VAL K 62 11.46 15.20 -9.85
N SER K 63 11.98 16.17 -9.12
CA SER K 63 11.28 17.40 -8.94
C SER K 63 12.26 18.54 -9.25
N PHE K 64 11.75 19.64 -9.80
CA PHE K 64 12.61 20.78 -10.19
C PHE K 64 11.88 22.07 -10.06
N LYS K 65 12.61 23.17 -9.78
CA LYS K 65 12.03 24.51 -9.61
C LYS K 65 11.28 24.88 -10.88
N MET K 66 10.04 25.30 -10.71
CA MET K 66 9.21 25.72 -11.82
C MET K 66 9.66 27.14 -12.13
N ARG K 67 10.14 27.33 -13.35
CA ARG K 67 10.58 28.64 -13.80
C ARG K 67 9.43 29.40 -14.49
N PRO K 68 8.60 28.65 -15.29
CA PRO K 68 7.92 29.08 -16.52
C PRO K 68 7.58 30.56 -16.74
N SER K 69 8.11 31.13 -17.83
CA SER K 69 9.10 30.51 -18.79
C SER K 69 8.86 29.05 -19.23
N VAL L 2 -9.68 -15.47 -25.31
CA VAL L 2 -9.06 -16.71 -25.88
C VAL L 2 -7.54 -16.86 -25.58
N SER L 3 -6.86 -15.73 -25.31
CA SER L 3 -5.57 -15.71 -24.61
C SER L 3 -5.82 -15.43 -23.14
N VAL L 4 -5.45 -16.40 -22.35
CA VAL L 4 -5.43 -16.24 -20.91
C VAL L 4 -3.98 -16.44 -20.43
N TYR L 5 -3.51 -15.67 -19.46
CA TYR L 5 -2.14 -15.76 -19.04
C TYR L 5 -2.08 -16.19 -17.58
N LYS L 6 -1.03 -16.87 -17.19
CA LYS L 6 -0.84 -17.11 -15.75
C LYS L 6 0.22 -16.16 -15.29
N VAL L 7 0.16 -15.70 -14.04
CA VAL L 7 1.20 -14.81 -13.46
C VAL L 7 1.85 -15.50 -12.29
N ILE L 8 3.21 -15.59 -12.27
CA ILE L 8 3.86 -16.23 -11.07
C ILE L 8 4.91 -15.27 -10.53
N ASP L 9 5.35 -15.49 -9.29
CA ASP L 9 6.51 -14.80 -8.77
C ASP L 9 7.64 -15.80 -8.73
N ILE L 10 8.86 -15.32 -8.93
CA ILE L 10 10.00 -16.23 -8.93
C ILE L 10 11.16 -15.45 -8.37
N ILE L 11 12.08 -16.16 -7.70
CA ILE L 11 13.22 -15.43 -7.07
C ILE L 11 14.54 -15.95 -7.66
N GLY L 12 15.40 -14.98 -7.97
CA GLY L 12 16.76 -15.26 -8.45
C GLY L 12 17.75 -14.83 -7.38
N THR L 13 18.92 -15.50 -7.33
CA THR L 13 19.93 -15.06 -6.31
C THR L 13 21.28 -14.98 -6.99
N SER L 14 22.20 -14.14 -6.48
CA SER L 14 23.57 -14.05 -7.10
C SER L 14 24.49 -13.46 -6.07
N PRO L 15 25.77 -13.85 -6.12
CA PRO L 15 26.75 -13.15 -5.30
C PRO L 15 27.14 -11.76 -5.88
N THR L 16 26.74 -11.51 -7.12
CA THR L 16 27.31 -10.41 -7.92
C THR L 16 26.38 -9.21 -7.82
N SER L 17 25.10 -9.42 -8.20
CA SER L 17 24.23 -8.25 -8.33
C SER L 17 22.77 -8.66 -8.40
N TRP L 18 21.94 -7.68 -8.15
CA TRP L 18 20.47 -7.90 -8.40
C TRP L 18 20.20 -8.10 -9.91
N GLU L 19 20.94 -7.41 -10.78
CA GLU L 19 20.70 -7.65 -12.23
C GLU L 19 21.02 -9.09 -12.59
N GLN L 20 22.13 -9.62 -12.07
CA GLN L 20 22.45 -11.02 -12.31
C GLN L 20 21.46 -12.02 -11.70
N ALA L 21 21.03 -11.74 -10.47
CA ALA L 21 20.01 -12.58 -9.81
C ALA L 21 18.76 -12.55 -10.70
N ALA L 22 18.38 -11.37 -11.21
CA ALA L 22 17.14 -11.27 -12.05
C ALA L 22 17.32 -12.09 -13.36
N ALA L 23 18.48 -11.95 -13.98
CA ALA L 23 18.75 -12.60 -15.23
C ALA L 23 18.67 -14.14 -15.03
N GLU L 24 19.19 -14.64 -13.90
CA GLU L 24 19.14 -16.11 -13.63
C GLU L 24 17.67 -16.53 -13.58
N ALA L 25 16.83 -15.75 -12.87
CA ALA L 25 15.45 -16.22 -12.69
C ALA L 25 14.75 -16.14 -14.06
N VAL L 26 15.03 -15.06 -14.80
CA VAL L 26 14.36 -14.93 -16.11
C VAL L 26 14.75 -16.09 -17.07
N GLN L 27 16.04 -16.47 -17.10
CA GLN L 27 16.50 -17.56 -17.91
C GLN L 27 15.75 -18.84 -17.52
N ARG L 28 15.67 -19.13 -16.21
CA ARG L 28 14.97 -20.37 -15.77
C ARG L 28 13.51 -20.33 -16.13
N ALA L 29 12.88 -19.17 -16.05
CA ALA L 29 11.45 -19.05 -16.44
C ALA L 29 11.28 -19.33 -17.95
N ARG L 30 12.16 -18.76 -18.75
CA ARG L 30 12.19 -19.01 -20.23
C ARG L 30 12.42 -20.48 -20.59
N ASP L 31 13.08 -21.25 -19.73
CA ASP L 31 13.23 -22.69 -20.02
C ASP L 31 11.96 -23.47 -19.86
N SER L 32 10.93 -22.88 -19.22
CA SER L 32 9.65 -23.53 -18.94
C SER L 32 8.57 -22.97 -19.86
N VAL L 33 8.66 -21.69 -20.28
CA VAL L 33 7.62 -21.05 -21.14
C VAL L 33 8.26 -20.11 -22.15
N ASP L 34 7.65 -19.88 -23.30
CA ASP L 34 8.39 -19.27 -24.39
C ASP L 34 7.86 -17.92 -24.85
N ASP L 35 7.09 -17.20 -24.00
CA ASP L 35 6.56 -15.89 -24.41
C ASP L 35 6.66 -14.81 -23.32
N ILE L 36 7.58 -14.96 -22.44
CA ILE L 36 7.82 -13.93 -21.40
C ILE L 36 8.44 -12.71 -22.05
N ARG L 37 7.82 -11.57 -21.81
CA ARG L 37 8.28 -10.31 -22.40
C ARG L 37 8.63 -9.24 -21.35
N VAL L 38 8.09 -9.39 -20.13
CA VAL L 38 8.25 -8.34 -19.12
C VAL L 38 8.45 -9.05 -17.83
N ALA L 39 9.39 -8.59 -16.99
CA ALA L 39 9.41 -9.20 -15.65
C ALA L 39 9.45 -8.05 -14.69
N ARG L 40 8.54 -7.97 -13.71
CA ARG L 40 8.48 -6.76 -12.87
C ARG L 40 9.20 -7.06 -11.51
N VAL L 41 9.94 -6.08 -10.96
CA VAL L 41 10.56 -6.32 -9.68
C VAL L 41 9.56 -6.09 -8.57
N ILE L 42 9.43 -7.08 -7.70
CA ILE L 42 8.47 -7.00 -6.59
C ILE L 42 9.18 -6.71 -5.28
N GLU L 43 10.31 -7.37 -5.05
CA GLU L 43 11.04 -7.17 -3.81
C GLU L 43 12.54 -7.47 -4.03
N GLN L 44 13.43 -6.80 -3.28
CA GLN L 44 14.87 -7.11 -3.31
C GLN L 44 15.37 -7.23 -1.86
N ASP L 45 16.30 -8.15 -1.62
CA ASP L 45 16.93 -8.21 -0.31
C ASP L 45 18.34 -8.79 -0.47
N MET L 46 19.00 -8.99 0.69
CA MET L 46 20.24 -9.72 0.71
C MET L 46 20.19 -10.67 1.88
N ALA L 47 20.74 -11.82 1.62
CA ALA L 47 21.09 -12.72 2.70
C ALA L 47 22.57 -12.62 3.06
N VAL L 48 22.87 -12.71 4.35
CA VAL L 48 24.23 -12.51 4.83
C VAL L 48 24.51 -13.73 5.71
N ASP L 49 25.61 -14.43 5.42
CA ASP L 49 25.95 -15.67 6.14
C ASP L 49 26.84 -15.27 7.32
N SER L 50 27.09 -16.17 8.26
CA SER L 50 27.78 -15.74 9.47
C SER L 50 29.16 -15.14 9.17
N ALA L 51 29.72 -15.42 7.99
CA ALA L 51 31.12 -14.98 7.70
C ALA L 51 31.03 -13.68 6.97
N GLY L 52 29.78 -13.27 6.70
CA GLY L 52 29.52 -11.93 6.17
C GLY L 52 29.45 -11.93 4.67
N LYS L 53 29.42 -13.11 4.07
CA LYS L 53 29.26 -13.19 2.62
C LYS L 53 27.85 -12.83 2.24
N ILE L 54 27.70 -11.94 1.24
CA ILE L 54 26.40 -11.46 0.79
C ILE L 54 25.92 -12.17 -0.48
N THR L 55 24.64 -12.53 -0.46
CA THR L 55 23.97 -12.97 -1.65
C THR L 55 22.79 -12.01 -1.94
N TYR L 56 22.74 -11.50 -3.14
CA TYR L 56 21.66 -10.58 -3.56
C TYR L 56 20.48 -11.39 -4.05
N ARG L 57 19.27 -11.04 -3.60
CA ARG L 57 18.12 -11.82 -4.00
C ARG L 57 17.06 -10.92 -4.52
N ILE L 58 16.27 -11.43 -5.49
CA ILE L 58 15.26 -10.55 -6.11
C ILE L 58 14.04 -11.36 -6.43
N LYS L 59 12.86 -10.77 -6.18
CA LYS L 59 11.57 -11.52 -6.50
C LYS L 59 10.99 -10.79 -7.68
N LEU L 60 10.71 -11.54 -8.74
CA LEU L 60 10.09 -10.95 -9.95
C LEU L 60 8.73 -11.53 -10.17
N GLU L 61 7.90 -10.73 -10.82
CA GLU L 61 6.60 -11.22 -11.29
C GLU L 61 6.61 -11.29 -12.81
N VAL L 62 6.22 -12.47 -13.36
CA VAL L 62 6.20 -12.69 -14.81
C VAL L 62 4.90 -13.34 -15.23
N SER L 63 4.41 -13.01 -16.41
CA SER L 63 3.26 -13.71 -16.91
C SER L 63 3.57 -14.38 -18.25
N PHE L 64 2.79 -15.39 -18.57
CA PHE L 64 2.99 -16.26 -19.77
C PHE L 64 1.70 -16.84 -20.19
N LYS L 65 1.55 -17.13 -21.48
CA LYS L 65 0.25 -17.50 -21.95
C LYS L 65 0.00 -18.92 -21.54
N MET L 66 -1.19 -19.20 -21.02
CA MET L 66 -1.49 -20.59 -20.68
C MET L 66 -1.77 -21.42 -21.92
N ARG L 67 -1.34 -22.67 -21.89
CA ARG L 67 -1.66 -23.62 -22.94
C ARG L 67 -2.99 -24.28 -22.52
N PRO L 68 -3.85 -24.54 -23.48
CA PRO L 68 -5.07 -25.29 -23.25
C PRO L 68 -4.77 -26.63 -22.58
N SER L 69 -5.61 -27.00 -21.61
CA SER L 69 -5.42 -28.18 -20.80
C SER L 69 -4.29 -28.09 -19.76
N GLN L 70 -3.49 -27.02 -19.74
CA GLN L 70 -2.46 -27.05 -18.74
C GLN L 70 -3.10 -26.91 -17.34
N PRO L 71 -2.42 -27.41 -16.29
CA PRO L 71 -3.04 -27.28 -14.98
C PRO L 71 -2.93 -25.83 -14.53
N LEU L 72 -3.78 -25.47 -13.57
CA LEU L 72 -3.63 -24.17 -12.89
C LEU L 72 -2.33 -24.00 -12.08
#